data_8JLQ
#
_entry.id   8JLQ
#
_cell.length_a   1.00
_cell.length_b   1.00
_cell.length_c   1.00
_cell.angle_alpha   90.00
_cell.angle_beta   90.00
_cell.angle_gamma   90.00
#
_symmetry.space_group_name_H-M   'P 1'
#
loop_
_entity.id
_entity.type
_entity.pdbx_description
1 polymer mGs
2 polymer 'Guanine nucleotide-binding protein G(I)/G(S)/G(T) subunit beta-1'
3 polymer 'Soluble cytochrome b562,Trace amine-associated receptor 1'
4 polymer ScFv16
5 polymer 'Guanine nucleotide-binding protein G(I)/G(S)/G(O) subunit gamma-2'
6 non-polymer (1R)-6-chloranyl-1-(4-hydroxyphenyl)-2,3,4,5-tetrahydro-1H-3-benzazepine-7,8-diol
#
loop_
_entity_poly.entity_id
_entity_poly.type
_entity_poly.pdbx_seq_one_letter_code
_entity_poly.pdbx_strand_id
1 'polypeptide(L)'
;MGCTLRNEEKAQREANKKIEKQLQKDKQVYRATHRLLLLGAGESGKNTIVKQMRIYHVNGYSEEECKQYKAVVYSNTIQS
IIAIIRAMGRLKIDFGDSARADDARQLFVLAGAAEEGFMTAELAGVIKRLWKDSGVQACFNRSREYQLNDSAAYYLNDLD
RIAQPNYIPTQQDVLRTRVKTSGIFETKFQVDKVNFHMFDVGAQRDERRKWIQCFNDVTAIIFVVASSSYNMVIREDNQT
NRLQAALKLFDSIWNNKWLRDTSVILFLNKQDLLAEKVLAGKSKIEDYFPEFARYTTPEDATPEPGEDPRVTRAKYFIRD
EFLRISTASGDGRHYCYPHFTCSVDTENIRRVFNDCRDIIQRMHLRQYELL
;
A
2 'polypeptide(L)'
;MHHHHHHLEVLFQGPGSSGSELDQLRQEAEQLKNQIRDARKACADATLSQITNNIDPVGRIQMRTRRTLRGHLAKIYAMH
WGTDSRLLVSASQDGKLIIWDSYTTNKVHAIPLRSSWVMTCAYAPSGNYVACGGLDNICSIYNLKTREGNVRVSRELAGH
TGYLSCCRFLDDNQIVTSSGDTTCALWDIETGQQTTTFTGHTGDVMSLSLAPDTRLFVSGACDASAKLWDVREGMCRQTF
TGHESDINAICFFPNGNAFATGSDDATCRLFDLRADQELMTYSHDNIICGITSVSFSKSGRLLLAGYDDFNCNVWDALKA
DRAGVLAGHDNRVSCLGVTDDGMAVATGSWDSFLKIWN
;
B
3 'polypeptide(L)'
;DYKDDDDKHHHHHHHHHHENLYFQGADLEDNWETLNDNLKVIEKADNAAQVKDALTKMRAAALDAQKATPPKLEDKSPDS
PEMKDFRHGFDILVGQIDDALKLANEGKVKEAQAAAEQLKTTRNAYIQKYLMMPFCHNIINISCVKNNWSNDVRASLYSL
MVLIILTTLVGNLIVIVSISHFKQLHTPTNWLIHSMATVDFLLGCLVMPYSMVRSAEHCWYFGEVFCKIHTSTDIMLSSA
SIFHLSFISIDRYYAVCDPLRYKAKMNILVICVMIFISWSVPAVFAFGMIFLELNFKGAEEIYYKHVHCRGGCSVFFSKI
SGVLTFMTSFYIPGSIMLCVYYRIYLIAKEQARLISDANQKLQIGLEMKNGISQSKERKAVKTLGIVMGVFLICWCPFFI
CTVMDPFLHYIIPPTLNDVLIWFGYLNSTFNPMVYAFFYPWFRKALKMMLFGKIFQKDSSRCKLFLELSS
;
R
4 'polypeptide(L)'
;DVQLVESGGGLVQPGGSRKLSCSASGFAFSSFGMHWVRQAPEKGLEWVAYISSGSGTIYYADTVKGRFTISRDDPKNTLF
LQMTSLRSEDTAMYYCVRSIYYYGSSPFDFWGQGTTLTVSSGGGGSGGGGSGGGSSDIVMTQATSSVPVTPGESVSISCR
SSKSLLHSNGNTYLYWFLQRPGQSPQLLIYRMSNLASGVPDRFSGSGSGTAFTLTISRLEAEDVGVYYCMQHLEYPLTFG
AGTKLELKAAA
;
S
5 'polypeptide(L)' MASNNTASIAQARKLVEQLKMEANIDRIKVSKAAADLMAYCEAHAKEDPLLTPVPASENPFREKKFFCAIL Y
#
# COMPACT_ATOMS: atom_id res chain seq x y z
N ARG A 6 -11.70 21.81 16.35
CA ARG A 6 -10.62 20.86 16.19
C ARG A 6 -11.10 19.43 16.39
N ASN A 7 -12.24 19.27 17.07
CA ASN A 7 -12.76 17.94 17.34
C ASN A 7 -13.13 17.22 16.06
N GLU A 8 -13.60 17.95 15.06
CA GLU A 8 -13.79 17.34 13.74
C GLU A 8 -12.49 16.78 13.20
N GLU A 9 -11.38 17.50 13.39
CA GLU A 9 -10.10 17.04 12.87
C GLU A 9 -9.58 15.85 13.68
N LYS A 10 -9.78 15.88 14.99
CA LYS A 10 -9.42 14.73 15.81
C LYS A 10 -10.26 13.51 15.45
N ALA A 11 -11.50 13.73 15.01
CA ALA A 11 -12.31 12.63 14.53
C ALA A 11 -11.86 12.15 13.15
N GLN A 12 -11.32 13.05 12.33
CA GLN A 12 -10.63 12.62 11.12
C GLN A 12 -9.51 11.65 11.47
N ARG A 13 -8.71 12.00 12.48
CA ARG A 13 -7.66 11.09 12.96
C ARG A 13 -8.22 9.78 13.50
N GLU A 14 -9.34 9.81 14.25
CA GLU A 14 -9.84 8.55 14.78
C GLU A 14 -10.35 7.64 13.67
N ALA A 15 -11.03 8.21 12.67
CA ALA A 15 -11.45 7.43 11.52
C ALA A 15 -10.25 6.88 10.76
N ASN A 16 -9.20 7.70 10.63
CA ASN A 16 -7.95 7.25 10.03
C ASN A 16 -7.37 6.06 10.80
N LYS A 17 -7.39 6.13 12.13
CA LYS A 17 -6.84 5.05 12.94
C LYS A 17 -7.65 3.78 12.79
N LYS A 18 -8.98 3.89 12.76
CA LYS A 18 -9.81 2.70 12.55
C LYS A 18 -9.54 2.09 11.18
N ILE A 19 -9.44 2.93 10.14
CA ILE A 19 -9.16 2.43 8.80
C ILE A 19 -7.80 1.75 8.77
N GLU A 20 -6.81 2.34 9.44
CA GLU A 20 -5.47 1.74 9.45
C GLU A 20 -5.43 0.44 10.25
N LYS A 21 -6.27 0.32 11.29
CA LYS A 21 -6.36 -0.96 12.00
C LYS A 21 -6.95 -2.04 11.11
N GLN A 22 -8.02 -1.71 10.38
CA GLN A 22 -8.57 -2.68 9.42
C GLN A 22 -7.55 -3.02 8.34
N LEU A 23 -6.79 -2.02 7.90
CA LEU A 23 -5.74 -2.24 6.90
C LEU A 23 -4.63 -3.12 7.44
N GLN A 24 -4.30 -3.00 8.73
CA GLN A 24 -3.32 -3.89 9.34
C GLN A 24 -3.85 -5.32 9.43
N LYS A 25 -5.15 -5.47 9.71
CA LYS A 25 -5.75 -6.80 9.72
C LYS A 25 -5.64 -7.46 8.35
N ASP A 26 -6.05 -6.75 7.29
CA ASP A 26 -5.91 -7.36 5.98
C ASP A 26 -4.45 -7.41 5.53
N LYS A 27 -3.56 -6.63 6.15
CA LYS A 27 -2.13 -6.79 5.92
C LYS A 27 -1.65 -8.14 6.44
N GLN A 28 -2.07 -8.50 7.65
CA GLN A 28 -1.75 -9.82 8.17
C GLN A 28 -2.32 -10.91 7.28
N VAL A 29 -3.56 -10.72 6.82
CA VAL A 29 -4.19 -11.72 5.95
C VAL A 29 -3.39 -11.88 4.66
N TYR A 30 -2.97 -10.77 4.06
CA TYR A 30 -2.20 -10.81 2.81
C TYR A 30 -0.82 -11.42 3.02
N ARG A 31 -0.17 -11.10 4.14
CA ARG A 31 1.14 -11.68 4.43
C ARG A 31 1.04 -13.19 4.60
N ALA A 32 -0.02 -13.66 5.26
CA ALA A 32 -0.21 -15.09 5.51
C ALA A 32 -0.79 -15.83 4.30
N THR A 33 -0.76 -15.23 3.11
CA THR A 33 -1.33 -15.83 1.92
C THR A 33 -0.30 -15.84 0.80
N HIS A 34 -0.24 -16.94 0.05
CA HIS A 34 0.68 -17.10 -1.07
C HIS A 34 -0.13 -17.06 -2.37
N ARG A 35 0.13 -16.03 -3.17
CA ARG A 35 -0.65 -15.84 -4.43
C ARG A 35 -0.10 -16.68 -5.57
N LEU A 36 -0.99 -17.30 -6.34
CA LEU A 36 -0.63 -18.11 -7.48
C LEU A 36 -1.33 -17.59 -8.72
N LEU A 37 -0.75 -17.88 -9.89
CA LEU A 37 -1.28 -17.42 -11.18
C LEU A 37 -1.49 -18.65 -12.06
N LEU A 38 -2.74 -19.12 -12.12
CA LEU A 38 -3.09 -20.20 -13.02
C LEU A 38 -2.91 -19.77 -14.47
N LEU A 39 -2.28 -20.63 -15.26
CA LEU A 39 -1.94 -20.29 -16.64
C LEU A 39 -2.05 -21.54 -17.51
N GLY A 40 -2.27 -21.32 -18.79
CA GLY A 40 -2.39 -22.43 -19.72
C GLY A 40 -3.25 -22.02 -20.91
N ALA A 41 -3.58 -23.02 -21.72
CA ALA A 41 -4.38 -22.83 -22.92
C ALA A 41 -5.85 -23.08 -22.63
N GLY A 42 -6.70 -22.92 -23.63
CA GLY A 42 -8.12 -23.12 -23.46
C GLY A 42 -8.54 -24.58 -23.46
N GLU A 43 -7.91 -25.38 -24.32
CA GLU A 43 -8.21 -26.80 -24.39
C GLU A 43 -7.67 -27.59 -23.20
N SER A 44 -6.85 -26.97 -22.36
CA SER A 44 -6.26 -27.66 -21.22
C SER A 44 -7.31 -27.89 -20.14
N GLY A 45 -6.88 -28.52 -19.05
CA GLY A 45 -7.79 -28.90 -17.99
C GLY A 45 -7.81 -27.96 -16.80
N LYS A 46 -7.34 -26.73 -17.00
CA LYS A 46 -7.23 -25.78 -15.89
C LYS A 46 -8.55 -25.67 -15.11
N ASN A 47 -9.66 -25.54 -15.84
CA ASN A 47 -10.96 -25.43 -15.19
C ASN A 47 -11.22 -26.62 -14.27
N THR A 48 -10.98 -27.83 -14.77
CA THR A 48 -11.14 -29.01 -13.93
C THR A 48 -10.36 -28.85 -12.64
N ILE A 49 -9.13 -28.35 -12.75
CA ILE A 49 -8.28 -28.20 -11.57
C ILE A 49 -8.93 -27.28 -10.55
N VAL A 50 -9.50 -26.15 -11.01
CA VAL A 50 -10.03 -25.22 -10.01
C VAL A 50 -11.20 -25.87 -9.29
N LYS A 51 -11.91 -26.79 -9.94
CA LYS A 51 -12.97 -27.52 -9.24
C LYS A 51 -12.39 -28.30 -8.08
N GLN A 52 -11.29 -29.02 -8.32
CA GLN A 52 -10.62 -29.73 -7.23
C GLN A 52 -10.06 -28.74 -6.21
N MET A 53 -9.75 -27.52 -6.64
CA MET A 53 -9.36 -26.49 -5.69
C MET A 53 -10.52 -26.08 -4.81
N ARG A 54 -11.73 -26.01 -5.39
CA ARG A 54 -12.89 -25.59 -4.63
C ARG A 54 -13.43 -26.73 -3.76
N ILE A 55 -13.23 -27.98 -4.16
CA ILE A 55 -13.71 -29.11 -3.40
C ILE A 55 -12.72 -29.47 -2.30
N SER A 182 -16.08 -13.01 -15.83
CA SER A 182 -15.21 -11.84 -15.80
C SER A 182 -13.85 -12.14 -16.43
N GLY A 183 -12.84 -11.37 -16.04
CA GLY A 183 -11.50 -11.56 -16.59
C GLY A 183 -10.59 -12.38 -15.70
N ILE A 184 -10.58 -12.08 -14.41
CA ILE A 184 -9.72 -12.77 -13.45
C ILE A 184 -10.59 -13.65 -12.57
N PHE A 185 -10.12 -14.89 -12.33
CA PHE A 185 -10.81 -15.85 -11.47
C PHE A 185 -10.02 -16.01 -10.18
N GLU A 186 -10.57 -15.52 -9.08
CA GLU A 186 -9.90 -15.58 -7.78
C GLU A 186 -10.30 -16.86 -7.03
N THR A 187 -9.66 -17.95 -7.42
CA THR A 187 -9.89 -19.23 -6.77
C THR A 187 -9.07 -19.30 -5.48
N LYS A 188 -9.68 -19.83 -4.42
CA LYS A 188 -9.05 -19.97 -3.12
C LYS A 188 -8.94 -21.43 -2.74
N PHE A 189 -7.86 -21.80 -2.06
CA PHE A 189 -7.79 -23.13 -1.45
C PHE A 189 -6.77 -23.12 -0.32
N GLN A 190 -7.08 -23.89 0.72
CA GLN A 190 -6.26 -23.95 1.92
C GLN A 190 -5.68 -25.34 2.09
N VAL A 191 -4.37 -25.41 2.33
CA VAL A 191 -3.67 -26.67 2.57
C VAL A 191 -2.81 -26.50 3.81
N ASP A 192 -3.09 -27.31 4.84
CA ASP A 192 -2.31 -27.31 6.09
C ASP A 192 -2.21 -25.90 6.67
N LYS A 193 -3.35 -25.23 6.77
CA LYS A 193 -3.46 -23.88 7.30
C LYS A 193 -2.66 -22.87 6.47
N VAL A 194 -2.47 -23.14 5.18
CA VAL A 194 -1.81 -22.22 4.26
C VAL A 194 -2.81 -21.82 3.19
N ASN A 195 -3.04 -20.53 3.05
CA ASN A 195 -3.98 -20.00 2.07
C ASN A 195 -3.29 -19.82 0.73
N PHE A 196 -4.01 -20.14 -0.35
CA PHE A 196 -3.49 -20.01 -1.70
C PHE A 196 -4.56 -19.38 -2.58
N HIS A 197 -4.25 -18.21 -3.14
CA HIS A 197 -5.11 -17.52 -4.10
C HIS A 197 -4.56 -17.83 -5.48
N MET A 198 -5.16 -18.80 -6.16
CA MET A 198 -4.73 -19.16 -7.50
C MET A 198 -5.58 -18.40 -8.51
N PHE A 199 -4.94 -17.53 -9.28
CA PHE A 199 -5.62 -16.58 -10.15
C PHE A 199 -5.55 -17.04 -11.59
N ASP A 200 -6.72 -17.26 -12.20
CA ASP A 200 -6.83 -17.64 -13.60
C ASP A 200 -7.40 -16.48 -14.40
N VAL A 201 -6.85 -16.25 -15.58
CA VAL A 201 -7.29 -15.18 -16.47
C VAL A 201 -8.28 -15.79 -17.46
N GLY A 202 -9.56 -15.53 -17.24
CA GLY A 202 -10.61 -16.09 -18.08
C GLY A 202 -10.75 -15.42 -19.43
N ALA A 203 -11.14 -14.14 -19.44
CA ALA A 203 -11.41 -13.40 -20.67
C ALA A 203 -10.32 -12.36 -20.86
N GLN A 204 -9.33 -12.70 -21.67
CA GLN A 204 -8.24 -11.80 -22.01
C GLN A 204 -8.02 -11.84 -23.52
N ARG A 205 -7.29 -10.84 -24.02
CA ARG A 205 -7.06 -10.74 -25.46
C ARG A 205 -6.25 -11.92 -25.99
N ASP A 206 -5.38 -12.49 -25.16
CA ASP A 206 -4.55 -13.65 -25.53
C ASP A 206 -3.70 -13.36 -26.76
N GLU A 207 -3.26 -12.12 -26.91
CA GLU A 207 -2.39 -11.74 -28.03
C GLU A 207 -1.13 -11.07 -27.50
N ARG A 208 -1.27 -10.27 -26.45
CA ARG A 208 -0.13 -9.63 -25.80
C ARG A 208 -0.33 -9.70 -24.30
N ARG A 209 0.66 -10.23 -23.60
CA ARG A 209 0.60 -10.40 -22.14
C ARG A 209 1.31 -9.22 -21.48
N LYS A 210 0.62 -8.08 -21.47
CA LYS A 210 1.14 -6.91 -20.76
C LYS A 210 0.72 -6.90 -19.29
N TRP A 211 -0.42 -7.51 -18.96
CA TRP A 211 -0.85 -7.61 -17.58
C TRP A 211 0.02 -8.54 -16.75
N ILE A 212 0.91 -9.31 -17.38
CA ILE A 212 1.79 -10.20 -16.66
C ILE A 212 2.73 -9.44 -15.72
N GLN A 213 2.96 -8.16 -15.98
CA GLN A 213 3.76 -7.34 -15.07
C GLN A 213 3.07 -7.15 -13.73
N CYS A 214 1.75 -7.28 -13.69
CA CYS A 214 1.01 -7.08 -12.44
C CYS A 214 1.22 -8.24 -11.47
N PHE A 215 1.75 -9.36 -11.94
CA PHE A 215 2.04 -10.53 -11.10
C PHE A 215 3.55 -10.59 -10.89
N ASN A 216 4.00 -10.03 -9.76
CA ASN A 216 5.42 -10.08 -9.40
C ASN A 216 5.57 -10.65 -8.00
N ASP A 217 4.54 -10.46 -7.17
CA ASP A 217 4.53 -10.96 -5.80
C ASP A 217 4.04 -12.40 -5.72
N VAL A 218 3.62 -12.99 -6.83
CA VAL A 218 3.09 -14.36 -6.81
C VAL A 218 4.19 -15.32 -6.41
N THR A 219 3.84 -16.25 -5.51
CA THR A 219 4.80 -17.29 -5.11
C THR A 219 5.22 -18.12 -6.32
N ALA A 220 4.25 -18.65 -7.06
CA ALA A 220 4.52 -19.42 -8.26
C ALA A 220 3.34 -19.25 -9.20
N ILE A 221 3.61 -19.46 -10.49
CA ILE A 221 2.57 -19.40 -11.52
C ILE A 221 2.31 -20.83 -11.99
N ILE A 222 1.03 -21.22 -11.96
CA ILE A 222 0.67 -22.58 -12.34
C ILE A 222 0.60 -22.67 -13.86
N PHE A 223 1.41 -23.54 -14.44
CA PHE A 223 1.39 -23.76 -15.89
C PHE A 223 0.73 -25.10 -16.14
N VAL A 224 -0.44 -25.07 -16.78
CA VAL A 224 -1.26 -26.25 -16.99
C VAL A 224 -1.39 -26.49 -18.49
N VAL A 225 -0.98 -27.68 -18.93
CA VAL A 225 -0.97 -28.04 -20.34
C VAL A 225 -1.48 -29.46 -20.50
N ALA A 226 -2.29 -29.67 -21.55
CA ALA A 226 -2.75 -31.02 -21.88
C ALA A 226 -1.64 -31.78 -22.59
N SER A 227 -1.25 -32.92 -21.99
CA SER A 227 -0.16 -33.70 -22.57
C SER A 227 -0.59 -34.38 -23.87
N SER A 228 -1.82 -34.88 -23.92
CA SER A 228 -2.31 -35.66 -25.06
C SER A 228 -2.82 -34.71 -26.15
N SER A 229 -1.88 -34.28 -27.00
CA SER A 229 -2.24 -33.46 -28.15
C SER A 229 -2.52 -34.29 -29.41
N TYR A 230 -2.33 -35.60 -29.34
CA TYR A 230 -2.49 -36.51 -30.49
C TYR A 230 -1.54 -36.02 -31.59
N ASN A 231 -1.91 -36.13 -32.87
CA ASN A 231 -1.04 -35.66 -33.94
C ASN A 231 -1.70 -34.57 -34.76
N THR A 240 -0.51 -24.98 -36.00
CA THR A 240 0.13 -26.28 -35.92
C THR A 240 -0.39 -27.04 -34.70
N ASN A 241 0.23 -28.19 -34.42
CA ASN A 241 -0.15 -28.97 -33.25
C ASN A 241 0.05 -28.17 -31.97
N ARG A 242 -0.82 -28.40 -30.99
CA ARG A 242 -0.86 -27.54 -29.81
C ARG A 242 0.26 -27.82 -28.82
N LEU A 243 1.01 -28.93 -28.96
CA LEU A 243 2.22 -29.08 -28.16
C LEU A 243 3.24 -28.01 -28.51
N GLN A 244 3.41 -27.71 -29.80
CA GLN A 244 4.35 -26.66 -30.20
C GLN A 244 3.90 -25.30 -29.69
N ALA A 245 2.60 -25.00 -29.78
CA ALA A 245 2.09 -23.74 -29.27
C ALA A 245 2.28 -23.63 -27.77
N ALA A 246 2.01 -24.72 -27.04
CA ALA A 246 2.21 -24.72 -25.60
C ALA A 246 3.69 -24.53 -25.24
N LEU A 247 4.59 -25.17 -25.98
CA LEU A 247 6.01 -24.99 -25.74
C LEU A 247 6.44 -23.56 -26.01
N LYS A 248 5.93 -22.96 -27.08
CA LYS A 248 6.25 -21.57 -27.38
C LYS A 248 5.74 -20.65 -26.27
N LEU A 249 4.52 -20.89 -25.78
CA LEU A 249 3.99 -20.07 -24.70
C LEU A 249 4.82 -20.23 -23.43
N PHE A 250 5.20 -21.47 -23.11
CA PHE A 250 6.02 -21.71 -21.92
C PHE A 250 7.37 -21.03 -22.04
N ASP A 251 7.99 -21.10 -23.22
CA ASP A 251 9.29 -20.44 -23.42
C ASP A 251 9.15 -18.93 -23.29
N SER A 252 8.12 -18.36 -23.93
CA SER A 252 7.94 -16.90 -23.89
C SER A 252 7.67 -16.43 -22.47
N ILE A 253 6.91 -17.20 -21.68
CA ILE A 253 6.61 -16.78 -20.32
C ILE A 253 7.74 -17.12 -19.36
N TRP A 254 8.62 -18.04 -19.74
CA TRP A 254 9.83 -18.31 -18.96
C TRP A 254 10.84 -17.18 -19.14
N ASN A 255 11.02 -16.72 -20.37
CA ASN A 255 11.97 -15.65 -20.66
C ASN A 255 11.41 -14.27 -20.35
N ASN A 256 10.21 -14.18 -19.79
CA ASN A 256 9.62 -12.91 -19.41
C ASN A 256 10.41 -12.33 -18.24
N LYS A 257 10.86 -11.08 -18.38
CA LYS A 257 11.64 -10.44 -17.32
C LYS A 257 10.78 -10.00 -16.15
N TRP A 258 9.48 -9.83 -16.39
CA TRP A 258 8.57 -9.45 -15.29
C TRP A 258 8.47 -10.62 -14.31
N LEU A 259 8.80 -11.82 -14.79
CA LEU A 259 8.70 -13.03 -13.93
C LEU A 259 10.12 -13.55 -13.64
N ARG A 260 11.10 -12.67 -13.43
CA ARG A 260 12.40 -13.22 -13.10
C ARG A 260 12.35 -13.89 -11.77
N ASP A 261 12.00 -13.14 -10.70
CA ASP A 261 11.97 -13.97 -9.49
C ASP A 261 10.65 -14.73 -9.37
N THR A 262 10.33 -15.58 -10.36
CA THR A 262 9.10 -16.35 -10.33
C THR A 262 9.36 -17.76 -10.84
N SER A 263 9.01 -18.75 -10.01
CA SER A 263 9.21 -20.16 -10.35
C SER A 263 7.91 -20.75 -10.90
N VAL A 264 8.05 -21.59 -11.93
CA VAL A 264 6.91 -22.21 -12.60
C VAL A 264 6.77 -23.64 -12.10
N ILE A 265 5.56 -24.04 -11.73
CA ILE A 265 5.26 -25.42 -11.38
C ILE A 265 4.32 -25.96 -12.47
N LEU A 266 4.89 -26.70 -13.40
CA LEU A 266 4.17 -27.14 -14.60
C LEU A 266 3.37 -28.41 -14.32
N PHE A 267 2.14 -28.42 -14.81
CA PHE A 267 1.21 -29.54 -14.63
C PHE A 267 0.97 -30.17 -15.99
N LEU A 268 1.05 -31.49 -16.06
CA LEU A 268 0.69 -32.23 -17.27
C LEU A 268 -0.59 -33.00 -16.98
N ASN A 269 -1.68 -32.60 -17.62
CA ASN A 269 -2.96 -33.31 -17.51
C ASN A 269 -3.13 -34.27 -18.68
N LYS A 270 -4.31 -34.87 -18.73
CA LYS A 270 -4.68 -35.83 -19.78
C LYS A 270 -3.73 -37.03 -19.79
N GLN A 271 -3.39 -37.51 -18.60
CA GLN A 271 -2.71 -38.80 -18.51
C GLN A 271 -3.57 -39.91 -19.07
N ASP A 272 -4.86 -39.91 -18.71
CA ASP A 272 -5.78 -40.89 -19.27
C ASP A 272 -5.90 -40.73 -20.78
N LEU A 273 -6.21 -39.50 -21.24
CA LEU A 273 -6.36 -39.28 -22.68
C LEU A 273 -5.09 -39.61 -23.43
N LEU A 274 -3.93 -39.50 -22.77
CA LEU A 274 -2.71 -40.04 -23.34
C LEU A 274 -2.74 -41.57 -23.37
N ALA A 275 -3.34 -42.18 -22.34
CA ALA A 275 -3.36 -43.64 -22.26
C ALA A 275 -4.20 -44.26 -23.36
N GLU A 276 -5.40 -43.73 -23.60
CA GLU A 276 -6.19 -44.24 -24.72
C GLU A 276 -5.72 -43.74 -26.08
N LYS A 277 -4.54 -43.09 -26.16
CA LYS A 277 -3.97 -42.71 -27.44
C LYS A 277 -2.66 -43.43 -27.71
N VAL A 278 -1.68 -43.31 -26.81
CA VAL A 278 -0.37 -43.94 -27.04
C VAL A 278 -0.50 -45.47 -26.95
N LEU A 279 -1.17 -45.95 -25.90
CA LEU A 279 -1.35 -47.40 -25.76
C LEU A 279 -2.24 -47.96 -26.86
N ALA A 280 -3.29 -47.22 -27.22
CA ALA A 280 -4.16 -47.66 -28.31
C ALA A 280 -3.41 -47.69 -29.64
N GLY A 281 -2.56 -46.69 -29.89
CA GLY A 281 -1.78 -46.64 -31.10
C GLY A 281 -2.52 -46.16 -32.33
N LYS A 282 -3.70 -45.54 -32.16
CA LYS A 282 -4.43 -45.03 -33.31
C LYS A 282 -3.66 -43.93 -34.01
N SER A 283 -3.05 -43.02 -33.25
CA SER A 283 -2.22 -41.95 -33.79
C SER A 283 -0.82 -42.09 -33.24
N LYS A 284 0.18 -41.95 -34.11
CA LYS A 284 1.58 -42.12 -33.75
C LYS A 284 2.28 -40.77 -33.65
N ILE A 285 3.35 -40.74 -32.86
CA ILE A 285 4.13 -39.52 -32.68
C ILE A 285 5.25 -39.42 -33.71
N GLU A 286 5.68 -40.54 -34.28
CA GLU A 286 6.77 -40.55 -35.25
C GLU A 286 6.35 -40.09 -36.64
N ASP A 287 5.06 -39.83 -36.86
CA ASP A 287 4.58 -39.49 -38.19
C ASP A 287 5.21 -38.21 -38.71
N TYR A 288 5.31 -37.18 -37.86
CA TYR A 288 5.89 -35.92 -38.31
C TYR A 288 6.88 -35.31 -37.33
N PHE A 289 7.29 -36.05 -36.29
CA PHE A 289 8.37 -35.63 -35.43
C PHE A 289 9.64 -36.39 -35.78
N PRO A 290 10.66 -35.74 -36.35
CA PRO A 290 11.94 -36.44 -36.56
C PRO A 290 12.57 -36.94 -35.28
N GLU A 291 12.38 -36.22 -34.17
CA GLU A 291 12.93 -36.63 -32.88
C GLU A 291 11.99 -37.68 -32.26
N PHE A 292 12.23 -37.97 -30.97
CA PHE A 292 11.46 -38.94 -30.19
C PHE A 292 11.75 -40.36 -30.64
N ALA A 293 12.53 -40.51 -31.72
CA ALA A 293 12.99 -41.82 -32.16
C ALA A 293 14.38 -42.16 -31.66
N ARG A 294 15.27 -41.17 -31.58
CA ARG A 294 16.59 -41.33 -30.99
C ARG A 294 16.58 -41.12 -29.48
N TYR A 295 15.44 -40.78 -28.91
CA TYR A 295 15.31 -40.54 -27.47
C TYR A 295 14.52 -41.68 -26.83
N THR A 296 15.04 -42.20 -25.73
CA THR A 296 14.41 -43.26 -24.95
C THR A 296 14.17 -42.77 -23.53
N THR A 297 13.58 -43.64 -22.71
CA THR A 297 13.31 -43.30 -21.33
C THR A 297 14.62 -43.10 -20.58
N PRO A 298 14.78 -42.01 -19.83
CA PRO A 298 15.99 -41.83 -19.04
C PRO A 298 16.07 -42.85 -17.91
N GLU A 299 17.30 -43.13 -17.49
CA GLU A 299 17.53 -44.15 -16.46
C GLU A 299 16.93 -43.76 -15.12
N ASP A 300 16.77 -42.47 -14.85
CA ASP A 300 16.20 -42.00 -13.59
C ASP A 300 14.69 -41.79 -13.67
N ALA A 301 14.06 -42.11 -14.80
CA ALA A 301 12.62 -41.99 -14.92
C ALA A 301 11.93 -43.00 -14.02
N THR A 302 10.83 -42.58 -13.39
CA THR A 302 10.09 -43.42 -12.46
C THR A 302 8.67 -43.62 -12.97
N PRO A 303 8.39 -44.69 -13.70
CA PRO A 303 7.02 -44.96 -14.21
C PRO A 303 6.11 -45.55 -13.12
N GLU A 304 5.60 -44.65 -12.27
CA GLU A 304 4.70 -45.10 -11.20
C GLU A 304 3.43 -45.76 -11.72
N PRO A 305 2.68 -45.18 -12.67
CA PRO A 305 1.48 -45.89 -13.16
C PRO A 305 1.78 -47.24 -13.78
N GLY A 306 2.89 -47.35 -14.51
CA GLY A 306 3.26 -48.61 -15.15
C GLY A 306 2.27 -49.11 -16.17
N GLU A 307 1.58 -48.20 -16.87
CA GLU A 307 0.62 -48.62 -17.87
C GLU A 307 1.29 -49.30 -19.06
N ASP A 308 2.32 -48.66 -19.61
CA ASP A 308 3.02 -49.19 -20.78
C ASP A 308 4.33 -48.46 -20.99
N PRO A 309 5.39 -49.16 -21.42
CA PRO A 309 6.66 -48.45 -21.70
C PRO A 309 6.51 -47.34 -22.73
N ARG A 310 5.67 -47.52 -23.74
CA ARG A 310 5.48 -46.48 -24.74
C ARG A 310 4.85 -45.23 -24.14
N VAL A 311 3.86 -45.42 -23.27
CA VAL A 311 3.20 -44.29 -22.62
C VAL A 311 4.19 -43.52 -21.76
N THR A 312 5.00 -44.25 -20.98
CA THR A 312 6.01 -43.60 -20.15
C THR A 312 7.04 -42.86 -21.00
N ARG A 313 7.47 -43.48 -22.11
CA ARG A 313 8.44 -42.84 -22.99
C ARG A 313 7.90 -41.53 -23.56
N ALA A 314 6.66 -41.56 -24.06
CA ALA A 314 6.07 -40.34 -24.61
C ALA A 314 5.87 -39.28 -23.52
N LYS A 315 5.42 -39.70 -22.34
CA LYS A 315 5.17 -38.76 -21.26
C LYS A 315 6.44 -38.08 -20.81
N TYR A 316 7.52 -38.84 -20.65
CA TYR A 316 8.80 -38.24 -20.26
C TYR A 316 9.44 -37.45 -21.39
N PHE A 317 9.16 -37.81 -22.65
CA PHE A 317 9.56 -36.95 -23.75
C PHE A 317 8.88 -35.59 -23.66
N ILE A 318 7.58 -35.57 -23.33
CA ILE A 318 6.90 -34.31 -23.10
C ILE A 318 7.55 -33.57 -21.93
N ARG A 319 7.87 -34.30 -20.86
CA ARG A 319 8.45 -33.68 -19.68
C ARG A 319 9.76 -32.97 -19.99
N ASP A 320 10.71 -33.67 -20.59
CA ASP A 320 12.00 -33.02 -20.85
C ASP A 320 11.94 -32.07 -22.03
N GLU A 321 11.00 -32.25 -22.96
CA GLU A 321 10.76 -31.23 -23.98
C GLU A 321 10.34 -29.92 -23.37
N PHE A 322 9.48 -29.98 -22.34
CA PHE A 322 9.12 -28.77 -21.61
C PHE A 322 10.30 -28.24 -20.79
N LEU A 323 11.05 -29.13 -20.14
CA LEU A 323 12.10 -28.69 -19.22
C LEU A 323 13.37 -28.21 -19.93
N ARG A 324 13.51 -28.50 -21.17
CA ARG A 324 14.61 -27.94 -21.82
C ARG A 324 14.54 -26.46 -21.48
N ILE A 325 13.57 -25.73 -21.96
CA ILE A 325 13.50 -24.27 -21.84
C ILE A 325 13.88 -23.83 -20.43
N SER A 326 13.34 -24.52 -19.42
CA SER A 326 13.61 -24.15 -18.04
C SER A 326 15.08 -24.35 -17.68
N THR A 327 15.70 -25.40 -18.21
CA THR A 327 17.12 -25.64 -17.93
C THR A 327 18.02 -24.71 -18.73
N ALA A 328 17.55 -24.23 -19.88
CA ALA A 328 18.38 -23.36 -20.71
C ALA A 328 18.68 -22.03 -20.02
N ARG A 333 17.65 -18.49 -9.69
CA ARG A 333 16.59 -17.54 -9.26
C ARG A 333 15.25 -18.21 -9.38
N HIS A 334 15.07 -19.04 -10.42
CA HIS A 334 13.73 -19.65 -10.65
C HIS A 334 13.87 -21.13 -11.00
N TYR A 335 12.79 -21.88 -10.82
CA TYR A 335 12.80 -23.33 -11.06
C TYR A 335 11.60 -23.74 -11.90
N CYS A 336 11.58 -24.94 -12.44
CA CYS A 336 10.39 -25.44 -13.13
C CYS A 336 10.16 -26.75 -12.51
N TYR A 337 8.99 -27.03 -12.03
CA TYR A 337 8.59 -28.23 -11.29
C TYR A 337 7.64 -29.04 -12.17
N PRO A 338 8.12 -30.01 -12.92
CA PRO A 338 7.20 -30.82 -13.74
C PRO A 338 6.44 -31.83 -12.91
N HIS A 339 5.13 -31.94 -13.17
CA HIS A 339 4.29 -32.92 -12.51
C HIS A 339 3.38 -33.60 -13.52
N PHE A 340 3.02 -34.85 -13.23
CA PHE A 340 2.15 -35.67 -14.06
C PHE A 340 0.82 -35.89 -13.36
N THR A 341 -0.28 -35.72 -14.08
CA THR A 341 -1.60 -35.94 -13.50
C THR A 341 -2.62 -36.13 -14.61
N CYS A 342 -3.79 -36.63 -14.23
CA CYS A 342 -4.92 -36.71 -15.14
C CYS A 342 -5.79 -35.46 -14.95
N SER A 343 -6.99 -35.48 -15.53
CA SER A 343 -7.86 -34.30 -15.49
C SER A 343 -8.27 -33.96 -14.06
N VAL A 344 -8.64 -34.97 -13.27
CA VAL A 344 -9.10 -34.77 -11.90
C VAL A 344 -8.17 -35.51 -10.95
N ASP A 345 -7.67 -34.79 -9.94
CA ASP A 345 -6.75 -35.37 -8.97
C ASP A 345 -6.73 -34.50 -7.72
N THR A 346 -6.90 -35.15 -6.56
CA THR A 346 -6.78 -34.42 -5.30
C THR A 346 -5.33 -34.11 -4.98
N GLU A 347 -4.43 -35.08 -5.21
CA GLU A 347 -3.02 -34.89 -4.89
C GLU A 347 -2.44 -33.67 -5.61
N ASN A 348 -3.00 -33.30 -6.76
CA ASN A 348 -2.55 -32.11 -7.47
C ASN A 348 -2.50 -30.91 -6.54
N ILE A 349 -3.56 -30.70 -5.77
CA ILE A 349 -3.57 -29.59 -4.81
C ILE A 349 -2.38 -29.71 -3.87
N ARG A 350 -2.23 -30.89 -3.27
CA ARG A 350 -1.08 -31.13 -2.39
C ARG A 350 0.23 -30.85 -3.13
N ARG A 351 0.30 -31.24 -4.41
CA ARG A 351 1.50 -30.99 -5.18
C ARG A 351 1.90 -29.53 -5.08
N VAL A 352 0.94 -28.62 -5.32
CA VAL A 352 1.24 -27.20 -5.29
C VAL A 352 1.88 -26.83 -3.97
N PHE A 353 1.27 -27.28 -2.87
CA PHE A 353 1.81 -26.99 -1.55
C PHE A 353 3.27 -27.42 -1.47
N ASN A 354 3.55 -28.67 -1.83
CA ASN A 354 4.92 -29.17 -1.79
C ASN A 354 5.82 -28.27 -2.61
N ASP A 355 5.39 -27.94 -3.83
CA ASP A 355 6.20 -27.08 -4.69
C ASP A 355 6.49 -25.76 -3.99
N CYS A 356 5.47 -25.14 -3.43
CA CYS A 356 5.68 -23.87 -2.75
C CYS A 356 6.62 -24.05 -1.57
N ARG A 357 6.46 -25.15 -0.83
CA ARG A 357 7.32 -25.37 0.34
C ARG A 357 8.78 -25.44 -0.06
N ASP A 358 9.06 -25.73 -1.32
CA ASP A 358 10.45 -25.64 -1.78
C ASP A 358 10.80 -24.21 -2.17
N ILE A 359 9.96 -23.58 -2.99
CA ILE A 359 10.32 -22.32 -3.64
C ILE A 359 10.74 -21.30 -2.61
N ILE A 360 9.83 -20.92 -1.71
CA ILE A 360 10.14 -19.91 -0.70
C ILE A 360 11.37 -20.33 0.09
N GLN A 361 11.41 -21.61 0.48
CA GLN A 361 12.56 -22.12 1.26
C GLN A 361 13.84 -21.72 0.53
N ARG A 362 13.98 -22.13 -0.73
CA ARG A 362 15.17 -21.74 -1.55
C ARG A 362 15.24 -20.21 -1.62
N MET A 363 14.11 -19.55 -1.92
CA MET A 363 14.08 -18.09 -1.95
C MET A 363 14.64 -17.52 -0.66
N HIS A 364 14.40 -18.19 0.47
CA HIS A 364 15.03 -17.78 1.71
C HIS A 364 16.49 -18.21 1.75
N LEU A 365 16.77 -19.42 1.27
CA LEU A 365 18.17 -19.94 1.26
C LEU A 365 19.04 -18.95 0.47
N ARG A 366 18.55 -18.46 -0.67
CA ARG A 366 19.32 -17.51 -1.50
C ARG A 366 19.37 -16.15 -0.78
N GLN A 367 18.33 -15.83 0.01
CA GLN A 367 18.30 -14.56 0.71
C GLN A 367 19.32 -14.51 1.84
N TYR A 368 19.59 -15.65 2.48
CA TYR A 368 20.53 -15.72 3.58
C TYR A 368 21.90 -16.26 3.15
N GLU A 369 22.18 -16.26 1.84
CA GLU A 369 23.44 -16.77 1.31
C GLU A 369 23.68 -18.22 1.73
N LEU A 370 22.62 -19.01 1.71
CA LEU A 370 22.67 -20.41 2.12
C LEU A 370 22.61 -21.36 0.93
N LEU A 371 22.52 -20.83 -0.29
CA LEU A 371 22.33 -21.64 -1.48
C LEU A 371 22.78 -20.87 -2.72
N GLU B 21 -11.06 -7.85 -53.75
CA GLU B 21 -11.24 -6.41 -53.55
C GLU B 21 -10.58 -5.96 -52.25
N LEU B 22 -9.67 -6.79 -51.72
CA LEU B 22 -8.96 -6.44 -50.50
C LEU B 22 -7.63 -5.76 -50.80
N ASP B 23 -6.96 -6.17 -51.88
CA ASP B 23 -5.70 -5.53 -52.26
C ASP B 23 -5.91 -4.07 -52.61
N GLN B 24 -7.00 -3.76 -53.33
CA GLN B 24 -7.30 -2.37 -53.66
C GLN B 24 -7.63 -1.57 -52.40
N LEU B 25 -8.30 -2.20 -51.44
CA LEU B 25 -8.57 -1.52 -50.17
C LEU B 25 -7.29 -1.21 -49.42
N ARG B 26 -6.34 -2.15 -49.38
CA ARG B 26 -5.06 -1.87 -48.74
C ARG B 26 -4.31 -0.78 -49.48
N GLN B 27 -4.37 -0.81 -50.81
CA GLN B 27 -3.73 0.23 -51.63
C GLN B 27 -4.28 1.61 -51.28
N GLU B 28 -5.61 1.74 -51.25
CA GLU B 28 -6.22 3.01 -50.91
C GLU B 28 -5.90 3.43 -49.49
N ALA B 29 -5.91 2.48 -48.55
CA ALA B 29 -5.62 2.80 -47.16
C ALA B 29 -4.22 3.37 -47.01
N GLU B 30 -3.21 2.70 -47.58
CA GLU B 30 -1.86 3.20 -47.47
C GLU B 30 -1.67 4.49 -48.26
N GLN B 31 -2.36 4.65 -49.39
CA GLN B 31 -2.27 5.89 -50.16
C GLN B 31 -2.77 7.07 -49.34
N LEU B 32 -3.94 6.92 -48.71
CA LEU B 32 -4.47 8.00 -47.90
C LEU B 32 -3.66 8.21 -46.63
N LYS B 33 -3.08 7.14 -46.07
CA LYS B 33 -2.22 7.31 -44.90
C LYS B 33 -0.97 8.12 -45.24
N ASN B 34 -0.36 7.84 -46.40
CA ASN B 34 0.83 8.60 -46.76
C ASN B 34 0.49 10.01 -47.20
N GLN B 35 -0.70 10.22 -47.77
CA GLN B 35 -1.08 11.60 -48.07
C GLN B 35 -1.37 12.37 -46.78
N ILE B 36 -1.85 11.67 -45.75
CA ILE B 36 -1.98 12.28 -44.43
C ILE B 36 -0.61 12.66 -43.87
N ARG B 37 0.37 11.77 -43.98
CA ARG B 37 1.69 12.09 -43.45
C ARG B 37 2.34 13.21 -44.23
N ASP B 38 2.09 13.28 -45.54
CA ASP B 38 2.60 14.39 -46.34
C ASP B 38 1.90 15.70 -45.97
N ALA B 39 0.60 15.65 -45.68
CA ALA B 39 -0.10 16.84 -45.22
C ALA B 39 0.46 17.31 -43.88
N ARG B 40 0.77 16.38 -42.99
CA ARG B 40 1.44 16.75 -41.74
C ARG B 40 2.80 17.39 -42.01
N LYS B 41 3.59 16.79 -42.89
CA LYS B 41 4.93 17.32 -43.17
C LYS B 41 4.86 18.73 -43.74
N ALA B 42 3.92 18.96 -44.66
CA ALA B 42 3.71 20.31 -45.19
C ALA B 42 3.23 21.26 -44.12
N CYS B 43 2.33 20.81 -43.24
CA CYS B 43 1.83 21.66 -42.16
C CYS B 43 2.95 22.05 -41.21
N ALA B 44 3.80 21.08 -40.85
CA ALA B 44 4.91 21.36 -39.94
C ALA B 44 6.01 22.14 -40.65
N ASP B 45 6.43 23.23 -40.05
CA ASP B 45 7.50 24.06 -40.59
C ASP B 45 8.62 24.29 -39.59
N ALA B 46 8.30 24.41 -38.30
CA ALA B 46 9.29 24.67 -37.27
C ALA B 46 8.90 23.94 -36.00
N THR B 47 9.91 23.68 -35.16
CA THR B 47 9.69 22.99 -33.91
C THR B 47 9.39 23.97 -32.78
N LEU B 48 8.81 23.45 -31.70
CA LEU B 48 8.45 24.27 -30.55
C LEU B 48 9.67 24.69 -29.74
N SER B 49 10.72 23.88 -29.73
CA SER B 49 11.90 24.18 -28.93
C SER B 49 12.57 25.47 -29.40
N GLN B 50 12.71 25.64 -30.72
CA GLN B 50 13.37 26.82 -31.24
C GLN B 50 12.48 28.05 -31.11
N ILE B 51 11.15 27.85 -31.06
CA ILE B 51 10.24 28.96 -30.82
C ILE B 51 10.51 29.58 -29.46
N THR B 52 10.71 28.75 -28.45
CA THR B 52 10.87 29.21 -27.07
C THR B 52 12.32 29.27 -26.62
N ASN B 53 13.27 29.14 -27.55
CA ASN B 53 14.69 29.17 -27.17
C ASN B 53 15.09 30.51 -26.56
N ASN B 54 14.34 31.57 -26.87
CA ASN B 54 14.70 32.90 -26.39
C ASN B 54 14.64 32.98 -24.87
N ILE B 55 13.57 32.46 -24.27
CA ILE B 55 13.39 32.54 -22.82
C ILE B 55 13.84 31.25 -22.17
N ASP B 56 14.35 31.34 -20.93
CA ASP B 56 14.75 30.17 -20.16
C ASP B 56 14.64 30.39 -18.66
N PRO B 57 13.45 30.69 -18.12
CA PRO B 57 13.31 30.75 -16.66
C PRO B 57 12.97 29.40 -16.06
N VAL B 58 12.75 29.37 -14.75
CA VAL B 58 12.44 28.17 -13.96
C VAL B 58 13.31 26.99 -14.42
N GLY B 59 14.61 27.24 -14.56
CA GLY B 59 15.51 26.20 -15.02
C GLY B 59 15.71 25.10 -14.00
N ARG B 60 15.54 25.41 -12.72
CA ARG B 60 15.73 24.45 -11.64
C ARG B 60 14.69 24.72 -10.56
N ILE B 61 13.78 23.77 -10.36
CA ILE B 61 12.71 23.88 -9.38
C ILE B 61 12.99 22.90 -8.24
N GLN B 62 12.68 23.32 -7.02
CA GLN B 62 12.86 22.48 -5.83
C GLN B 62 11.51 22.28 -5.16
N MET B 63 11.08 21.01 -5.06
CA MET B 63 9.83 20.65 -4.40
C MET B 63 10.12 19.48 -3.46
N ARG B 64 10.34 19.81 -2.18
CA ARG B 64 10.55 18.76 -1.19
C ARG B 64 9.23 18.09 -0.83
N THR B 65 9.31 16.85 -0.37
CA THR B 65 8.12 16.03 -0.18
C THR B 65 7.15 16.65 0.82
N ARG B 66 7.53 16.69 2.09
CA ARG B 66 6.75 17.29 3.17
C ARG B 66 5.45 16.53 3.45
N ARG B 67 5.09 15.55 2.61
CA ARG B 67 3.89 14.74 2.78
C ARG B 67 4.08 13.34 2.21
N THR B 68 3.90 12.31 3.04
CA THR B 68 4.04 10.93 2.60
C THR B 68 2.83 10.15 3.11
N LEU B 69 1.98 9.71 2.20
CA LEU B 69 0.79 8.94 2.56
C LEU B 69 1.16 7.47 2.58
N ARG B 70 1.34 6.92 3.78
CA ARG B 70 1.62 5.51 3.97
C ARG B 70 0.37 4.81 4.49
N GLY B 71 0.25 3.53 4.18
CA GLY B 71 -0.89 2.75 4.63
C GLY B 71 -1.38 1.77 3.59
N HIS B 72 -1.05 2.00 2.32
CA HIS B 72 -1.41 1.05 1.28
C HIS B 72 -0.68 -0.27 1.49
N LEU B 73 -1.43 -1.36 1.38
CA LEU B 73 -0.87 -2.69 1.65
C LEU B 73 0.20 -3.05 0.63
N ALA B 74 -0.13 -2.97 -0.65
CA ALA B 74 0.68 -3.52 -1.73
C ALA B 74 1.02 -2.43 -2.74
N LYS B 75 1.54 -2.87 -3.89
CA LYS B 75 1.94 -1.94 -4.93
C LYS B 75 0.75 -1.12 -5.41
N ILE B 76 0.97 0.19 -5.53
CA ILE B 76 -0.04 1.13 -5.98
C ILE B 76 0.07 1.28 -7.48
N TYR B 77 -1.06 1.18 -8.18
CA TYR B 77 -1.08 1.32 -9.64
C TYR B 77 -1.70 2.62 -10.12
N ALA B 78 -2.65 3.21 -9.39
CA ALA B 78 -3.30 4.40 -9.88
C ALA B 78 -3.71 5.30 -8.72
N MET B 79 -3.79 6.60 -8.99
CA MET B 79 -4.34 7.57 -8.07
C MET B 79 -5.03 8.66 -8.87
N HIS B 80 -5.89 9.42 -8.19
CA HIS B 80 -6.60 10.52 -8.82
C HIS B 80 -6.92 11.58 -7.78
N TRP B 81 -6.64 12.83 -8.14
CA TRP B 81 -6.92 13.97 -7.27
C TRP B 81 -8.38 14.37 -7.34
N GLY B 82 -8.90 14.87 -6.22
CA GLY B 82 -10.22 15.45 -6.22
C GLY B 82 -10.23 16.87 -6.75
N THR B 83 -11.42 17.31 -7.16
CA THR B 83 -11.57 18.68 -7.63
C THR B 83 -11.41 19.68 -6.49
N ASP B 84 -11.69 19.23 -5.25
CA ASP B 84 -11.50 20.10 -4.09
C ASP B 84 -10.02 20.29 -3.77
N SER B 85 -9.14 19.52 -4.41
CA SER B 85 -7.70 19.65 -4.32
C SER B 85 -7.16 19.21 -2.96
N ARG B 86 -8.08 18.83 -2.05
CA ARG B 86 -7.71 18.33 -0.73
C ARG B 86 -7.87 16.82 -0.61
N LEU B 87 -8.67 16.20 -1.48
CA LEU B 87 -9.06 14.81 -1.35
C LEU B 87 -8.47 14.00 -2.50
N LEU B 88 -8.17 12.73 -2.23
CA LEU B 88 -7.45 11.90 -3.19
C LEU B 88 -7.99 10.48 -3.13
N VAL B 89 -7.76 9.73 -4.21
CA VAL B 89 -8.07 8.31 -4.26
C VAL B 89 -6.85 7.57 -4.80
N SER B 90 -6.61 6.37 -4.26
CA SER B 90 -5.50 5.54 -4.74
C SER B 90 -5.87 4.07 -4.68
N ALA B 91 -5.40 3.30 -5.65
CA ALA B 91 -5.67 1.88 -5.75
C ALA B 91 -4.40 1.07 -5.52
N SER B 92 -4.52 -0.07 -4.85
CA SER B 92 -3.39 -0.90 -4.50
C SER B 92 -3.55 -2.30 -5.08
N GLN B 93 -2.43 -3.03 -5.10
CA GLN B 93 -2.39 -4.34 -5.76
C GLN B 93 -3.33 -5.34 -5.08
N ASP B 94 -3.42 -5.30 -3.75
CA ASP B 94 -4.21 -6.29 -3.03
C ASP B 94 -5.71 -6.17 -3.30
N GLY B 95 -6.16 -5.10 -3.94
CA GLY B 95 -7.58 -4.88 -4.14
C GLY B 95 -8.15 -3.99 -3.06
N LYS B 96 -7.50 -2.85 -2.85
CA LYS B 96 -7.89 -1.89 -1.82
C LYS B 96 -7.87 -0.50 -2.42
N LEU B 97 -9.00 0.21 -2.33
CA LEU B 97 -9.06 1.63 -2.65
C LEU B 97 -8.99 2.41 -1.36
N ILE B 98 -8.16 3.45 -1.34
CA ILE B 98 -8.05 4.33 -0.18
C ILE B 98 -8.35 5.74 -0.63
N ILE B 99 -9.35 6.34 0.00
CA ILE B 99 -9.65 7.76 -0.15
C ILE B 99 -8.88 8.49 0.94
N TRP B 100 -7.94 9.33 0.53
CA TRP B 100 -7.01 10.04 1.41
C TRP B 100 -7.41 11.50 1.57
N ASP B 101 -7.24 12.01 2.79
CA ASP B 101 -7.24 13.44 3.05
C ASP B 101 -5.82 13.93 2.92
N SER B 102 -5.53 14.62 1.81
CA SER B 102 -4.13 14.94 1.47
C SER B 102 -3.53 15.95 2.43
N TYR B 103 -4.32 16.92 2.90
CA TYR B 103 -3.75 18.01 3.69
C TYR B 103 -3.17 17.50 5.01
N THR B 104 -3.84 16.52 5.62
CA THR B 104 -3.46 16.06 6.95
C THR B 104 -3.01 14.60 6.96
N THR B 105 -2.82 13.99 5.79
CA THR B 105 -2.36 12.60 5.68
C THR B 105 -3.30 11.67 6.45
N ASN B 106 -4.59 11.75 6.12
CA ASN B 106 -5.61 10.93 6.75
C ASN B 106 -6.25 10.00 5.72
N LYS B 107 -6.73 8.85 6.21
CA LYS B 107 -7.57 7.96 5.41
C LYS B 107 -9.02 8.44 5.55
N VAL B 108 -9.62 8.83 4.43
CA VAL B 108 -11.03 9.20 4.44
C VAL B 108 -11.90 7.96 4.29
N HIS B 109 -11.56 7.08 3.35
CA HIS B 109 -12.35 5.87 3.12
C HIS B 109 -11.43 4.70 2.78
N ALA B 110 -11.91 3.49 3.07
CA ALA B 110 -11.23 2.25 2.72
C ALA B 110 -12.24 1.32 2.07
N ILE B 111 -12.10 1.12 0.76
CA ILE B 111 -13.01 0.31 -0.03
C ILE B 111 -12.32 -1.01 -0.34
N PRO B 112 -12.82 -2.14 0.16
CA PRO B 112 -12.29 -3.45 -0.26
C PRO B 112 -12.93 -3.87 -1.57
N LEU B 113 -12.10 -4.12 -2.58
CA LEU B 113 -12.58 -4.43 -3.91
C LEU B 113 -12.88 -5.92 -4.05
N ARG B 114 -13.89 -6.22 -4.87
CA ARG B 114 -14.22 -7.62 -5.16
C ARG B 114 -13.08 -8.31 -5.90
N SER B 115 -12.44 -7.61 -6.84
CA SER B 115 -11.33 -8.14 -7.60
C SER B 115 -10.02 -7.69 -6.96
N SER B 116 -9.11 -8.64 -6.74
CA SER B 116 -7.83 -8.36 -6.10
C SER B 116 -6.76 -7.95 -7.10
N TRP B 117 -7.15 -7.44 -8.27
CA TRP B 117 -6.21 -6.95 -9.28
C TRP B 117 -6.83 -5.72 -9.93
N VAL B 118 -6.48 -4.55 -9.41
CA VAL B 118 -6.93 -3.27 -9.93
C VAL B 118 -5.72 -2.53 -10.50
N MET B 119 -5.91 -1.91 -11.66
CA MET B 119 -4.85 -1.11 -12.27
C MET B 119 -5.32 0.28 -12.68
N THR B 120 -6.52 0.69 -12.25
CA THR B 120 -6.95 2.07 -12.47
C THR B 120 -8.02 2.46 -11.48
N CYS B 121 -7.93 3.71 -11.01
CA CYS B 121 -8.94 4.31 -10.15
C CYS B 121 -9.12 5.76 -10.57
N ALA B 122 -10.35 6.26 -10.43
CA ALA B 122 -10.68 7.62 -10.82
C ALA B 122 -11.67 8.20 -9.83
N TYR B 123 -11.63 9.52 -9.68
CA TYR B 123 -12.47 10.24 -8.74
C TYR B 123 -13.42 11.13 -9.53
N ALA B 124 -14.71 11.04 -9.23
CA ALA B 124 -15.70 11.81 -9.97
C ALA B 124 -15.51 13.31 -9.73
N PRO B 125 -15.66 14.14 -10.76
CA PRO B 125 -15.54 15.59 -10.53
C PRO B 125 -16.52 16.12 -9.51
N SER B 126 -17.75 15.59 -9.48
CA SER B 126 -18.70 15.97 -8.45
C SER B 126 -18.27 15.51 -7.06
N GLY B 127 -17.40 14.50 -6.99
CA GLY B 127 -16.94 13.99 -5.72
C GLY B 127 -17.80 12.92 -5.09
N ASN B 128 -18.82 12.43 -5.80
CA ASN B 128 -19.74 11.45 -5.25
C ASN B 128 -19.36 10.01 -5.55
N TYR B 129 -18.69 9.75 -6.68
CA TYR B 129 -18.42 8.41 -7.13
C TYR B 129 -16.93 8.19 -7.35
N VAL B 130 -16.52 6.91 -7.28
CA VAL B 130 -15.15 6.48 -7.59
C VAL B 130 -15.24 5.33 -8.57
N ALA B 131 -14.47 5.43 -9.65
CA ALA B 131 -14.35 4.38 -10.64
C ALA B 131 -13.13 3.52 -10.34
N CYS B 132 -13.26 2.22 -10.60
CA CYS B 132 -12.22 1.26 -10.24
C CYS B 132 -12.23 0.13 -11.25
N GLY B 133 -11.09 -0.12 -11.88
CA GLY B 133 -11.01 -1.13 -12.92
C GLY B 133 -9.68 -1.84 -12.92
N GLY B 134 -9.70 -3.11 -13.33
CA GLY B 134 -8.50 -3.91 -13.38
C GLY B 134 -8.62 -5.13 -14.27
N LEU B 135 -8.07 -6.25 -13.82
CA LEU B 135 -8.09 -7.49 -14.60
C LEU B 135 -9.47 -8.13 -14.66
N ASP B 136 -10.42 -7.68 -13.85
CA ASP B 136 -11.74 -8.31 -13.78
C ASP B 136 -12.64 -7.95 -14.95
N ASN B 137 -12.17 -7.12 -15.89
CA ASN B 137 -12.88 -6.66 -17.07
C ASN B 137 -13.97 -5.65 -16.74
N ILE B 138 -14.07 -5.21 -15.48
CA ILE B 138 -15.16 -4.38 -15.01
C ILE B 138 -14.60 -3.06 -14.52
N CYS B 139 -15.28 -1.95 -14.83
CA CYS B 139 -15.05 -0.70 -14.12
C CYS B 139 -16.14 -0.56 -13.06
N SER B 140 -15.76 -0.72 -11.80
CA SER B 140 -16.72 -0.68 -10.71
C SER B 140 -16.90 0.76 -10.23
N ILE B 141 -18.15 1.18 -10.09
CA ILE B 141 -18.49 2.52 -9.63
C ILE B 141 -18.98 2.41 -8.20
N TYR B 142 -18.23 3.03 -7.29
CA TYR B 142 -18.56 3.09 -5.87
C TYR B 142 -19.08 4.48 -5.53
N ASN B 143 -20.18 4.54 -4.80
CA ASN B 143 -20.77 5.81 -4.38
C ASN B 143 -20.22 6.19 -3.02
N LEU B 144 -19.44 7.27 -2.97
CA LEU B 144 -18.86 7.76 -1.74
C LEU B 144 -19.87 8.41 -0.82
N LYS B 145 -20.95 8.97 -1.35
CA LYS B 145 -21.84 9.84 -0.60
C LYS B 145 -23.28 9.32 -0.68
N THR B 146 -23.41 8.05 -0.35
CA THR B 146 -24.76 7.44 -0.36
C THR B 146 -25.54 7.94 0.86
N ARG B 147 -26.83 7.65 0.92
CA ARG B 147 -27.62 8.04 2.08
C ARG B 147 -26.99 7.50 3.36
N GLU B 148 -26.40 6.31 3.28
CA GLU B 148 -25.61 5.75 4.36
C GLU B 148 -24.13 6.07 4.12
N GLY B 149 -23.31 5.90 5.16
CA GLY B 149 -21.90 6.21 5.05
C GLY B 149 -21.04 5.18 4.36
N ASN B 150 -21.62 4.04 4.01
CA ASN B 150 -20.86 2.97 3.39
C ASN B 150 -20.69 3.21 1.89
N VAL B 151 -19.39 3.23 1.54
CA VAL B 151 -19.09 3.28 0.10
C VAL B 151 -19.64 1.93 -0.41
N ARG B 152 -20.48 1.97 -1.43
CA ARG B 152 -21.12 0.78 -1.96
C ARG B 152 -20.96 0.79 -3.44
N VAL B 153 -21.01 -0.35 -4.09
CA VAL B 153 -20.77 -0.43 -5.55
C VAL B 153 -22.04 -0.12 -6.31
N SER B 154 -22.29 1.17 -6.52
CA SER B 154 -23.53 1.63 -7.19
C SER B 154 -23.67 1.05 -8.60
N ARG B 155 -22.58 0.62 -9.24
CA ARG B 155 -22.77 0.18 -10.64
C ARG B 155 -21.53 -0.52 -11.20
N GLU B 156 -21.66 -1.79 -11.55
CA GLU B 156 -20.55 -2.44 -12.23
C GLU B 156 -20.70 -2.17 -13.72
N LEU B 157 -19.58 -1.84 -14.38
CA LEU B 157 -19.58 -1.59 -15.82
C LEU B 157 -18.86 -2.76 -16.49
N ALA B 158 -19.65 -3.62 -17.13
CA ALA B 158 -19.18 -4.82 -17.79
C ALA B 158 -19.51 -4.76 -19.27
N GLY B 159 -18.67 -5.38 -20.08
CA GLY B 159 -18.82 -5.33 -21.52
C GLY B 159 -17.49 -5.26 -22.25
N HIS B 160 -16.40 -5.21 -21.47
CA HIS B 160 -15.06 -5.24 -22.02
C HIS B 160 -14.51 -6.66 -21.96
N THR B 161 -13.95 -7.13 -23.07
CA THR B 161 -13.36 -8.46 -23.13
C THR B 161 -11.88 -8.48 -22.80
N GLY B 162 -11.29 -7.32 -22.46
CA GLY B 162 -9.92 -7.23 -22.03
C GLY B 162 -9.81 -6.48 -20.71
N TYR B 163 -8.64 -6.61 -20.09
CA TYR B 163 -8.42 -5.99 -18.79
C TYR B 163 -8.61 -4.48 -18.89
N LEU B 164 -9.36 -3.93 -17.93
CA LEU B 164 -9.71 -2.51 -17.97
C LEU B 164 -8.58 -1.70 -17.37
N SER B 165 -8.00 -0.81 -18.17
CA SER B 165 -6.74 -0.16 -17.83
C SER B 165 -6.91 1.26 -17.33
N CYS B 166 -7.97 1.96 -17.74
CA CYS B 166 -8.21 3.32 -17.24
C CYS B 166 -9.64 3.76 -17.50
N CYS B 167 -10.43 3.95 -16.45
CA CYS B 167 -11.80 4.47 -16.61
C CYS B 167 -11.93 5.78 -15.85
N ARG B 168 -11.95 6.87 -16.61
CA ARG B 168 -12.09 8.22 -16.06
C ARG B 168 -13.55 8.66 -16.08
N PHE B 169 -13.90 9.57 -15.18
CA PHE B 169 -15.26 10.06 -15.06
C PHE B 169 -15.48 11.22 -16.03
N LEU B 170 -16.52 11.12 -16.85
CA LEU B 170 -16.94 12.24 -17.68
C LEU B 170 -17.84 13.20 -16.89
N ASP B 171 -18.91 12.66 -16.34
CA ASP B 171 -19.88 13.40 -15.53
C ASP B 171 -20.22 12.58 -14.28
N ASP B 172 -21.22 13.04 -13.54
CA ASP B 172 -21.70 12.28 -12.39
C ASP B 172 -22.40 10.99 -12.80
N ASN B 173 -22.92 10.92 -14.02
CA ASN B 173 -23.65 9.76 -14.50
C ASN B 173 -23.07 9.20 -15.80
N GLN B 174 -22.08 9.84 -16.40
CA GLN B 174 -21.50 9.43 -17.68
C GLN B 174 -19.99 9.30 -17.49
N ILE B 175 -19.42 8.24 -18.05
CA ILE B 175 -18.04 7.84 -17.76
C ILE B 175 -17.40 7.29 -19.03
N VAL B 176 -16.07 7.36 -19.12
CA VAL B 176 -15.33 6.81 -20.24
C VAL B 176 -14.35 5.76 -19.70
N THR B 177 -14.20 4.66 -20.44
CA THR B 177 -13.40 3.52 -20.03
C THR B 177 -12.44 3.12 -21.14
N SER B 178 -11.32 2.52 -20.72
CA SER B 178 -10.25 2.08 -21.60
C SER B 178 -9.77 0.73 -21.11
N SER B 179 -9.89 -0.30 -21.94
CA SER B 179 -9.64 -1.66 -21.52
C SER B 179 -8.60 -2.32 -22.41
N GLY B 180 -8.28 -3.58 -22.07
CA GLY B 180 -7.29 -4.38 -22.75
C GLY B 180 -7.77 -5.11 -23.99
N ASP B 181 -8.95 -4.76 -24.51
CA ASP B 181 -9.47 -5.34 -25.74
C ASP B 181 -9.40 -4.35 -26.90
N THR B 182 -8.44 -3.43 -26.85
CA THR B 182 -8.20 -2.42 -27.89
C THR B 182 -9.40 -1.50 -28.08
N THR B 183 -10.34 -1.54 -27.13
CA THR B 183 -11.59 -0.80 -27.26
C THR B 183 -11.81 0.11 -26.07
N CYS B 184 -11.97 1.40 -26.33
CA CYS B 184 -12.49 2.33 -25.35
C CYS B 184 -14.00 2.42 -25.48
N ALA B 185 -14.66 2.84 -24.41
CA ALA B 185 -16.12 2.76 -24.41
C ALA B 185 -16.71 3.81 -23.47
N LEU B 186 -17.77 4.46 -23.91
CA LEU B 186 -18.53 5.36 -23.07
C LEU B 186 -19.67 4.62 -22.40
N TRP B 187 -19.98 5.02 -21.16
CA TRP B 187 -20.97 4.33 -20.35
C TRP B 187 -21.83 5.34 -19.61
N ASP B 188 -23.09 4.98 -19.39
CA ASP B 188 -24.01 5.77 -18.58
C ASP B 188 -24.25 5.02 -17.27
N ILE B 189 -24.00 5.69 -16.15
CA ILE B 189 -24.16 5.04 -14.81
C ILE B 189 -25.65 4.74 -14.57
N GLU B 190 -26.55 5.56 -15.12
CA GLU B 190 -28.00 5.38 -14.88
C GLU B 190 -28.43 3.99 -15.38
N THR B 191 -28.00 3.59 -16.58
CA THR B 191 -28.39 2.32 -17.15
C THR B 191 -27.32 1.25 -17.07
N GLY B 192 -26.05 1.63 -16.92
CA GLY B 192 -24.97 0.67 -16.89
C GLY B 192 -24.62 0.05 -18.22
N GLN B 193 -25.11 0.60 -19.32
CA GLN B 193 -24.90 0.03 -20.64
C GLN B 193 -23.80 0.79 -21.39
N GLN B 194 -23.03 0.06 -22.19
CA GLN B 194 -21.99 0.65 -23.00
C GLN B 194 -22.62 1.49 -24.12
N THR B 195 -22.56 2.81 -23.97
CA THR B 195 -23.19 3.74 -24.90
C THR B 195 -22.15 4.31 -25.86
N THR B 196 -22.49 4.32 -27.14
CA THR B 196 -21.64 4.86 -28.21
C THR B 196 -20.25 4.21 -28.17
N THR B 197 -20.24 2.91 -28.45
CA THR B 197 -19.01 2.12 -28.48
C THR B 197 -18.16 2.54 -29.66
N PHE B 198 -16.84 2.59 -29.45
CA PHE B 198 -15.90 2.97 -30.50
C PHE B 198 -14.58 2.24 -30.29
N THR B 199 -14.04 1.67 -31.37
CA THR B 199 -12.75 1.00 -31.34
C THR B 199 -11.97 1.35 -32.60
N GLY B 200 -10.69 1.67 -32.43
CA GLY B 200 -9.82 1.92 -33.56
C GLY B 200 -8.40 1.46 -33.33
N HIS B 201 -8.16 0.76 -32.23
CA HIS B 201 -6.82 0.35 -31.83
C HIS B 201 -6.56 -1.10 -32.24
N THR B 202 -5.32 -1.38 -32.66
CA THR B 202 -4.91 -2.75 -32.92
C THR B 202 -4.30 -3.41 -31.69
N GLY B 203 -3.40 -2.70 -30.99
CA GLY B 203 -2.97 -3.12 -29.69
C GLY B 203 -3.87 -2.57 -28.60
N ASP B 204 -3.84 -3.21 -27.43
CA ASP B 204 -4.78 -2.83 -26.38
C ASP B 204 -4.44 -1.46 -25.81
N VAL B 205 -5.48 -0.74 -25.40
CA VAL B 205 -5.37 0.66 -24.98
C VAL B 205 -5.22 0.70 -23.46
N MET B 206 -4.23 1.47 -22.99
CA MET B 206 -3.80 1.39 -21.60
C MET B 206 -4.08 2.64 -20.78
N SER B 207 -4.44 3.75 -21.41
CA SER B 207 -4.67 4.99 -20.68
C SER B 207 -5.40 5.97 -21.57
N LEU B 208 -6.27 6.79 -20.97
CA LEU B 208 -6.98 7.84 -21.69
C LEU B 208 -6.84 9.14 -20.92
N SER B 209 -6.70 10.25 -21.65
CA SER B 209 -6.59 11.58 -21.06
C SER B 209 -7.84 12.36 -21.42
N LEU B 210 -8.55 12.82 -20.38
CA LEU B 210 -9.81 13.51 -20.58
C LEU B 210 -9.61 15.01 -20.66
N ALA B 211 -10.28 15.65 -21.62
CA ALA B 211 -10.21 17.09 -21.75
C ALA B 211 -11.05 17.77 -20.67
N PRO B 212 -10.65 18.97 -20.24
CA PRO B 212 -11.47 19.70 -19.25
C PRO B 212 -12.87 20.00 -19.74
N ASP B 213 -13.05 20.23 -21.04
CA ASP B 213 -14.38 20.52 -21.58
C ASP B 213 -15.28 19.29 -21.56
N THR B 214 -14.70 18.10 -21.33
CA THR B 214 -15.42 16.83 -21.28
C THR B 214 -16.17 16.53 -22.57
N ARG B 215 -15.66 17.03 -23.71
CA ARG B 215 -16.21 16.72 -25.01
C ARG B 215 -15.25 15.94 -25.90
N LEU B 216 -13.98 15.85 -25.50
CA LEU B 216 -12.98 15.08 -26.24
C LEU B 216 -12.13 14.33 -25.23
N PHE B 217 -11.50 13.25 -25.69
CA PHE B 217 -10.49 12.61 -24.85
C PHE B 217 -9.52 11.83 -25.71
N VAL B 218 -8.26 11.80 -25.27
CA VAL B 218 -7.18 11.16 -26.02
C VAL B 218 -6.75 9.92 -25.25
N SER B 219 -6.64 8.80 -25.96
CA SER B 219 -6.29 7.52 -25.33
C SER B 219 -5.07 6.94 -26.03
N GLY B 220 -4.15 6.38 -25.25
CA GLY B 220 -2.96 5.77 -25.82
C GLY B 220 -2.96 4.26 -25.64
N ALA B 221 -2.40 3.56 -26.61
CA ALA B 221 -2.46 2.10 -26.67
C ALA B 221 -1.08 1.53 -26.91
N CYS B 222 -1.02 0.18 -26.93
CA CYS B 222 0.19 -0.51 -27.34
C CYS B 222 0.49 -0.32 -28.82
N ASP B 223 -0.46 0.22 -29.57
CA ASP B 223 -0.24 0.49 -30.99
C ASP B 223 0.80 1.58 -31.20
N ALA B 224 1.19 2.28 -30.14
CA ALA B 224 2.09 3.43 -30.23
C ALA B 224 1.50 4.54 -31.10
N SER B 225 0.17 4.69 -31.03
CA SER B 225 -0.56 5.72 -31.77
C SER B 225 -1.71 6.19 -30.88
N ALA B 226 -1.61 7.42 -30.39
CA ALA B 226 -2.68 8.00 -29.59
C ALA B 226 -3.89 8.28 -30.47
N LYS B 227 -5.08 8.25 -29.88
CA LYS B 227 -6.30 8.51 -30.63
C LYS B 227 -7.17 9.51 -29.88
N LEU B 228 -7.60 10.54 -30.58
CA LEU B 228 -8.53 11.54 -30.06
C LEU B 228 -9.94 11.14 -30.43
N TRP B 229 -10.77 10.93 -29.41
CA TRP B 229 -12.13 10.43 -29.57
C TRP B 229 -13.09 11.52 -29.12
N ASP B 230 -14.07 11.82 -29.96
CA ASP B 230 -15.12 12.78 -29.60
C ASP B 230 -16.17 12.07 -28.75
N VAL B 231 -16.60 12.74 -27.67
CA VAL B 231 -17.60 12.14 -26.79
C VAL B 231 -18.95 12.03 -27.49
N ARG B 232 -19.40 13.12 -28.13
CA ARG B 232 -20.75 13.13 -28.69
C ARG B 232 -20.83 12.29 -29.96
N GLU B 233 -19.97 12.59 -30.94
CA GLU B 233 -19.99 11.82 -32.19
C GLU B 233 -19.51 10.40 -31.97
N GLY B 234 -18.62 10.17 -31.00
CA GLY B 234 -18.22 8.84 -30.61
C GLY B 234 -17.42 8.06 -31.64
N MET B 235 -16.53 8.72 -32.35
CA MET B 235 -15.62 8.03 -33.26
C MET B 235 -14.39 8.90 -33.48
N CYS B 236 -13.30 8.27 -33.93
CA CYS B 236 -11.95 8.82 -33.82
C CYS B 236 -11.80 10.06 -34.69
N ARG B 237 -11.67 11.23 -34.05
CA ARG B 237 -11.32 12.46 -34.73
C ARG B 237 -9.90 12.45 -35.31
N GLN B 238 -8.95 12.00 -34.53
CA GLN B 238 -7.55 12.15 -34.98
C GLN B 238 -6.60 11.09 -34.41
N THR B 239 -5.57 10.77 -35.18
CA THR B 239 -4.60 9.74 -34.74
C THR B 239 -3.20 10.37 -34.67
N PHE B 240 -2.36 9.96 -33.71
CA PHE B 240 -1.02 10.56 -33.54
C PHE B 240 0.03 9.46 -33.37
N THR B 241 0.93 9.29 -34.35
CA THR B 241 1.90 8.22 -34.25
C THR B 241 3.11 8.91 -33.66
N GLY B 242 4.20 8.24 -33.38
CA GLY B 242 5.35 8.96 -32.87
C GLY B 242 6.07 8.36 -31.70
N HIS B 243 5.56 7.23 -31.20
CA HIS B 243 6.19 6.59 -30.01
C HIS B 243 6.92 5.32 -30.45
N GLU B 244 8.19 5.18 -30.05
CA GLU B 244 9.00 4.01 -30.48
C GLU B 244 8.70 2.81 -29.57
N SER B 245 7.86 3.00 -28.55
CA SER B 245 7.59 1.90 -27.59
C SER B 245 6.13 1.93 -27.12
N ASP B 246 5.73 0.94 -26.32
CA ASP B 246 4.33 0.84 -25.83
C ASP B 246 3.97 2.10 -25.05
N ILE B 247 2.75 2.62 -25.23
CA ILE B 247 2.29 3.82 -24.47
C ILE B 247 1.72 3.34 -23.13
N ASN B 248 2.18 3.93 -22.03
CA ASN B 248 1.71 3.54 -20.71
C ASN B 248 0.83 4.58 -20.03
N ALA B 249 1.03 5.86 -20.31
CA ALA B 249 0.26 6.90 -19.63
C ALA B 249 0.00 8.05 -20.58
N ILE B 250 -1.01 8.85 -20.25
CA ILE B 250 -1.36 10.00 -21.07
C ILE B 250 -2.04 11.05 -20.20
N CYS B 251 -1.65 12.32 -20.38
CA CYS B 251 -2.29 13.44 -19.71
C CYS B 251 -2.62 14.50 -20.73
N PHE B 252 -3.71 15.22 -20.52
CA PHE B 252 -4.15 16.21 -21.49
C PHE B 252 -3.87 17.61 -20.96
N PHE B 253 -3.25 18.44 -21.81
CA PHE B 253 -2.78 19.74 -21.36
C PHE B 253 -3.97 20.62 -20.97
N PRO B 254 -3.84 21.42 -19.90
CA PRO B 254 -4.97 22.25 -19.46
C PRO B 254 -5.45 23.26 -20.49
N ASN B 255 -4.58 23.70 -21.41
CA ASN B 255 -5.00 24.68 -22.41
C ASN B 255 -6.12 24.11 -23.29
N GLY B 256 -6.10 22.81 -23.54
CA GLY B 256 -7.12 22.18 -24.35
C GLY B 256 -6.71 21.85 -25.77
N ASN B 257 -5.47 22.11 -26.16
CA ASN B 257 -5.01 21.86 -27.50
C ASN B 257 -3.86 20.85 -27.58
N ALA B 258 -3.33 20.42 -26.44
CA ALA B 258 -2.14 19.56 -26.43
C ALA B 258 -2.33 18.45 -25.41
N PHE B 259 -1.42 17.47 -25.47
CA PHE B 259 -1.39 16.38 -24.50
C PHE B 259 -0.05 15.68 -24.56
N ALA B 260 0.38 15.14 -23.43
CA ALA B 260 1.64 14.42 -23.31
C ALA B 260 1.39 12.94 -23.08
N THR B 261 2.26 12.10 -23.63
CA THR B 261 2.17 10.65 -23.51
C THR B 261 3.47 10.10 -22.94
N GLY B 262 3.35 9.27 -21.91
CA GLY B 262 4.52 8.59 -21.38
C GLY B 262 4.54 7.12 -21.77
N SER B 263 5.75 6.62 -22.05
CA SER B 263 5.91 5.38 -22.78
C SER B 263 7.09 4.58 -22.23
N ASP B 264 7.23 3.35 -22.75
CA ASP B 264 8.32 2.46 -22.37
C ASP B 264 9.66 2.87 -22.96
N ASP B 265 9.68 3.75 -23.96
CA ASP B 265 10.92 4.18 -24.60
C ASP B 265 11.55 5.38 -23.91
N ALA B 266 11.17 5.68 -22.67
CA ALA B 266 11.69 6.78 -21.88
C ALA B 266 11.51 8.14 -22.54
N THR B 267 10.52 8.29 -23.41
CA THR B 267 10.26 9.55 -24.09
C THR B 267 8.86 10.04 -23.74
N CYS B 268 8.77 11.27 -23.24
CA CYS B 268 7.48 11.93 -23.06
C CYS B 268 7.18 12.68 -24.34
N ARG B 269 6.18 12.17 -25.09
CA ARG B 269 5.83 12.78 -26.40
C ARG B 269 4.67 13.76 -26.23
N LEU B 270 4.92 15.04 -26.44
CA LEU B 270 3.90 16.09 -26.33
C LEU B 270 3.41 16.40 -27.74
N PHE B 271 2.18 15.97 -28.02
CA PHE B 271 1.51 16.29 -29.27
C PHE B 271 0.48 17.39 -29.06
N ASP B 272 0.03 17.97 -30.16
CA ASP B 272 -1.08 18.92 -30.17
C ASP B 272 -2.19 18.37 -31.04
N LEU B 273 -3.42 18.39 -30.52
CA LEU B 273 -4.55 17.94 -31.32
C LEU B 273 -4.75 18.87 -32.52
N ARG B 274 -4.49 20.16 -32.35
CA ARG B 274 -4.42 21.07 -33.47
C ARG B 274 -3.16 20.80 -34.29
N ALA B 275 -3.29 20.83 -35.61
CA ALA B 275 -2.23 20.72 -36.60
C ALA B 275 -1.66 19.30 -36.74
N ASP B 276 -2.07 18.35 -35.90
CA ASP B 276 -1.71 16.94 -36.06
C ASP B 276 -0.19 16.74 -36.10
N GLN B 277 0.47 17.12 -35.02
CA GLN B 277 1.92 17.00 -34.95
C GLN B 277 2.33 16.57 -33.54
N GLU B 278 3.65 16.38 -33.37
CA GLU B 278 4.28 16.25 -32.07
C GLU B 278 4.93 17.58 -31.73
N LEU B 279 4.48 18.20 -30.64
CA LEU B 279 5.09 19.46 -30.22
C LEU B 279 6.53 19.25 -29.79
N MET B 280 6.79 18.22 -28.99
CA MET B 280 8.14 18.06 -28.45
C MET B 280 8.31 16.64 -27.92
N THR B 281 9.57 16.26 -27.73
CA THR B 281 9.95 15.01 -27.06
C THR B 281 10.81 15.33 -25.84
N TYR B 282 10.54 14.63 -24.75
CA TYR B 282 11.23 14.82 -23.46
C TYR B 282 11.93 13.50 -23.14
N SER B 283 13.24 13.46 -23.39
CA SER B 283 14.03 12.27 -23.13
C SER B 283 15.47 12.67 -22.81
N HIS B 284 16.20 11.75 -22.19
CA HIS B 284 17.58 12.00 -21.81
C HIS B 284 18.34 10.68 -21.84
N ASP B 285 19.68 10.79 -21.90
CA ASP B 285 20.52 9.61 -21.94
C ASP B 285 20.43 8.82 -20.64
N ASN B 286 20.32 9.51 -19.51
CA ASN B 286 20.28 8.83 -18.21
C ASN B 286 19.06 7.92 -18.08
N ILE B 287 17.91 8.38 -18.57
CA ILE B 287 16.67 7.63 -18.43
C ILE B 287 16.59 6.61 -19.57
N ILE B 288 16.47 5.34 -19.21
CA ILE B 288 16.25 4.28 -20.18
C ILE B 288 15.04 3.43 -19.85
N CYS B 289 14.45 3.58 -18.67
CA CYS B 289 13.31 2.79 -18.27
C CYS B 289 12.01 3.35 -18.84
N GLY B 290 10.93 2.61 -18.62
CA GLY B 290 9.64 3.05 -19.15
C GLY B 290 9.06 4.20 -18.33
N ILE B 291 8.14 4.93 -18.96
CA ILE B 291 7.42 6.02 -18.30
C ILE B 291 6.05 5.49 -17.95
N THR B 292 5.69 5.54 -16.67
CA THR B 292 4.46 4.88 -16.24
C THR B 292 3.35 5.90 -15.99
N SER B 293 3.69 7.12 -15.59
CA SER B 293 2.70 8.16 -15.35
C SER B 293 3.17 9.50 -15.91
N VAL B 294 2.20 10.34 -16.28
CA VAL B 294 2.45 11.65 -16.85
C VAL B 294 1.33 12.60 -16.40
N SER B 295 1.70 13.82 -16.05
CA SER B 295 0.74 14.84 -15.66
C SER B 295 1.34 16.21 -15.97
N PHE B 296 0.48 17.22 -16.02
CA PHE B 296 0.87 18.60 -16.28
C PHE B 296 0.55 19.46 -15.06
N SER B 297 1.29 20.55 -14.91
CA SER B 297 1.02 21.51 -13.85
C SER B 297 -0.27 22.28 -14.15
N LYS B 298 -0.65 23.15 -13.21
CA LYS B 298 -1.87 23.94 -13.39
C LYS B 298 -1.78 24.82 -14.63
N SER B 299 -0.64 25.48 -14.81
CA SER B 299 -0.37 26.22 -16.03
C SER B 299 0.23 25.35 -17.12
N GLY B 300 0.47 24.07 -16.83
CA GLY B 300 1.14 23.20 -17.77
C GLY B 300 2.60 23.51 -18.00
N ARG B 301 3.22 24.28 -17.09
CA ARG B 301 4.59 24.72 -17.32
C ARG B 301 5.58 23.58 -17.09
N LEU B 302 5.27 22.68 -16.17
CA LEU B 302 6.12 21.55 -15.87
C LEU B 302 5.42 20.25 -16.26
N LEU B 303 6.19 19.34 -16.86
CA LEU B 303 5.71 18.01 -17.21
C LEU B 303 6.29 17.01 -16.21
N LEU B 304 5.45 16.56 -15.28
CA LEU B 304 5.86 15.63 -14.24
C LEU B 304 5.61 14.21 -14.71
N ALA B 305 6.69 13.44 -14.88
CA ALA B 305 6.61 12.12 -15.49
C ALA B 305 7.14 11.08 -14.51
N GLY B 306 6.41 9.96 -14.41
CA GLY B 306 6.83 8.84 -13.57
C GLY B 306 7.66 7.85 -14.36
N TYR B 307 8.68 7.29 -13.70
CA TYR B 307 9.62 6.39 -14.33
C TYR B 307 9.70 5.09 -13.54
N ASP B 308 10.16 4.04 -14.24
CA ASP B 308 10.39 2.74 -13.64
C ASP B 308 11.71 2.66 -12.88
N ASP B 309 12.52 3.71 -12.91
CA ASP B 309 13.83 3.73 -12.28
C ASP B 309 13.79 4.40 -10.90
N PHE B 310 12.71 4.19 -10.15
CA PHE B 310 12.55 4.69 -8.78
C PHE B 310 12.43 6.21 -8.71
N ASN B 311 12.22 6.87 -9.86
CA ASN B 311 12.34 8.31 -9.91
C ASN B 311 11.13 8.91 -10.64
N CYS B 312 10.78 10.13 -10.25
CA CYS B 312 9.77 10.93 -10.94
C CYS B 312 10.43 12.24 -11.40
N ASN B 313 11.01 12.23 -12.59
CA ASN B 313 11.73 13.39 -13.12
C ASN B 313 10.72 14.45 -13.53
N VAL B 314 10.88 15.66 -13.03
CA VAL B 314 9.99 16.78 -13.37
C VAL B 314 10.60 17.47 -14.58
N TRP B 315 9.93 17.36 -15.72
CA TRP B 315 10.42 17.99 -16.92
C TRP B 315 9.76 19.34 -17.11
N ASP B 316 10.47 20.27 -17.74
CA ASP B 316 9.90 21.58 -18.01
C ASP B 316 9.38 21.61 -19.44
N ALA B 317 8.06 21.62 -19.59
CA ALA B 317 7.48 21.60 -20.92
C ALA B 317 7.98 22.76 -21.76
N LEU B 318 7.98 23.96 -21.19
CA LEU B 318 8.41 25.14 -21.95
C LEU B 318 9.91 25.16 -22.20
N LYS B 319 10.70 24.73 -21.23
CA LYS B 319 12.15 24.79 -21.38
C LYS B 319 12.69 23.60 -22.17
N ALA B 320 11.79 22.75 -22.65
CA ALA B 320 12.22 21.63 -23.49
C ALA B 320 13.24 20.73 -22.80
N ASP B 321 13.12 20.56 -21.49
CA ASP B 321 14.09 19.76 -20.75
C ASP B 321 13.64 19.45 -19.35
N ARG B 322 14.31 18.51 -18.71
CA ARG B 322 13.94 18.13 -17.36
C ARG B 322 14.32 19.20 -16.36
N ALA B 323 13.36 19.65 -15.57
CA ALA B 323 13.62 20.66 -14.56
C ALA B 323 13.16 20.18 -13.20
N GLY B 324 13.95 19.33 -12.56
CA GLY B 324 13.59 18.86 -11.24
C GLY B 324 13.43 17.35 -11.12
N VAL B 325 13.63 16.82 -9.93
CA VAL B 325 13.48 15.38 -9.71
C VAL B 325 12.63 15.11 -8.47
N LEU B 326 11.70 14.17 -8.56
CA LEU B 326 10.86 13.83 -7.42
C LEU B 326 11.26 12.49 -6.82
N ALA B 327 12.58 12.27 -6.72
CA ALA B 327 13.10 11.00 -6.16
C ALA B 327 12.73 10.88 -4.69
N GLY B 328 12.79 9.66 -4.14
CA GLY B 328 12.37 9.42 -2.75
C GLY B 328 11.50 8.19 -2.71
N HIS B 329 11.26 7.53 -3.86
CA HIS B 329 10.43 6.29 -3.91
C HIS B 329 11.35 5.07 -4.01
N ASP B 330 10.97 3.95 -3.39
CA ASP B 330 11.83 2.74 -3.27
C ASP B 330 11.44 1.71 -4.34
N ASN B 331 10.60 2.09 -5.31
CA ASN B 331 10.17 1.14 -6.32
C ASN B 331 9.62 1.92 -7.51
N ARG B 332 9.02 1.17 -8.45
CA ARG B 332 8.52 1.78 -9.71
C ARG B 332 7.45 2.83 -9.47
N VAL B 333 7.69 4.05 -9.95
CA VAL B 333 6.70 5.12 -9.87
C VAL B 333 5.57 4.77 -10.83
N SER B 334 4.45 4.26 -10.31
CA SER B 334 3.39 3.76 -11.22
C SER B 334 2.31 4.80 -11.52
N CYS B 335 2.20 5.85 -10.71
CA CYS B 335 1.11 6.79 -10.90
C CYS B 335 1.44 8.09 -10.18
N LEU B 336 1.14 9.20 -10.85
CA LEU B 336 1.29 10.51 -10.25
C LEU B 336 0.20 11.42 -10.79
N GLY B 337 -0.13 12.44 -10.02
CA GLY B 337 -1.17 13.36 -10.41
C GLY B 337 -0.98 14.75 -9.85
N VAL B 338 -1.12 15.75 -10.71
CA VAL B 338 -1.11 17.15 -10.28
C VAL B 338 -2.54 17.57 -10.03
N THR B 339 -2.78 18.14 -8.85
CA THR B 339 -4.11 18.56 -8.45
C THR B 339 -4.62 19.67 -9.37
N ASP B 340 -5.94 19.91 -9.31
CA ASP B 340 -6.58 20.80 -10.27
C ASP B 340 -6.05 22.22 -10.18
N ASP B 341 -5.86 22.73 -8.96
CA ASP B 341 -5.28 24.06 -8.81
C ASP B 341 -3.76 24.06 -8.98
N GLY B 342 -3.13 22.90 -9.07
CA GLY B 342 -1.70 22.84 -9.23
C GLY B 342 -0.90 23.11 -7.97
N MET B 343 -1.53 23.08 -6.80
CA MET B 343 -0.82 23.36 -5.56
C MET B 343 0.26 22.34 -5.25
N ALA B 344 0.03 21.07 -5.58
CA ALA B 344 0.97 20.01 -5.24
C ALA B 344 0.79 18.85 -6.21
N VAL B 345 1.75 17.94 -6.19
CA VAL B 345 1.71 16.75 -7.03
C VAL B 345 1.82 15.52 -6.14
N ALA B 346 0.84 14.63 -6.23
CA ALA B 346 0.92 13.33 -5.60
C ALA B 346 1.58 12.34 -6.55
N THR B 347 2.20 11.32 -5.98
CA THR B 347 2.94 10.34 -6.78
C THR B 347 2.90 9.00 -6.07
N GLY B 348 2.26 8.01 -6.69
CA GLY B 348 2.20 6.67 -6.15
C GLY B 348 3.23 5.77 -6.80
N SER B 349 3.84 4.93 -5.98
CA SER B 349 4.79 3.98 -6.61
C SER B 349 4.49 2.55 -6.15
N TRP B 350 5.41 1.65 -6.41
CA TRP B 350 5.25 0.24 -6.08
C TRP B 350 5.79 -0.11 -4.69
N ASP B 351 6.33 0.88 -3.96
CA ASP B 351 6.83 0.66 -2.58
C ASP B 351 5.67 0.78 -1.59
N SER B 352 4.43 0.72 -2.08
CA SER B 352 3.21 0.82 -1.28
C SER B 352 3.06 2.18 -0.60
N PHE B 353 3.88 3.17 -0.97
CA PHE B 353 3.81 4.50 -0.40
C PHE B 353 3.52 5.50 -1.51
N LEU B 354 2.57 6.40 -1.24
CA LEU B 354 2.24 7.49 -2.15
C LEU B 354 2.66 8.79 -1.49
N LYS B 355 3.53 9.54 -2.16
CA LYS B 355 4.12 10.74 -1.59
C LYS B 355 3.66 11.97 -2.35
N ILE B 356 3.26 13.01 -1.61
CA ILE B 356 2.83 14.29 -2.26
C ILE B 356 4.01 15.25 -2.25
N TRP B 357 4.32 15.85 -3.40
CA TRP B 357 5.48 16.77 -3.50
C TRP B 357 4.99 18.20 -3.73
N ASN B 358 5.28 19.12 -2.82
CA ASN B 358 4.76 20.47 -2.95
C ASN B 358 5.91 21.46 -3.15
N VAL C 153 54.13 -1.77 25.70
CA VAL C 153 52.97 -2.67 25.70
C VAL C 153 51.71 -1.92 26.10
N ARG C 154 51.84 -0.95 27.01
CA ARG C 154 50.69 -0.12 27.39
C ARG C 154 50.17 0.64 26.18
N ALA C 155 51.07 1.26 25.41
CA ALA C 155 50.66 2.02 24.23
C ALA C 155 50.05 1.10 23.17
N SER C 156 50.63 -0.09 22.97
CA SER C 156 50.09 -1.02 21.99
C SER C 156 48.69 -1.48 22.36
N LEU C 157 48.49 -1.83 23.64
CA LEU C 157 47.16 -2.21 24.10
C LEU C 157 46.18 -1.05 23.98
N TYR C 158 46.62 0.17 24.31
CA TYR C 158 45.76 1.33 24.18
C TYR C 158 45.32 1.53 22.73
N SER C 159 46.27 1.41 21.79
CA SER C 159 45.94 1.61 20.38
C SER C 159 44.99 0.54 19.88
N LEU C 160 45.27 -0.73 20.18
CA LEU C 160 44.39 -1.81 19.72
C LEU C 160 43.00 -1.68 20.32
N MET C 161 42.93 -1.31 21.60
CA MET C 161 41.65 -1.20 22.27
C MET C 161 40.86 0.01 21.78
N VAL C 162 41.55 1.12 21.47
CA VAL C 162 40.91 2.25 20.80
C VAL C 162 40.33 1.81 19.46
N LEU C 163 41.10 1.03 18.70
CA LEU C 163 40.61 0.53 17.42
C LEU C 163 39.35 -0.30 17.61
N ILE C 164 39.34 -1.16 18.64
CA ILE C 164 38.16 -1.98 18.91
C ILE C 164 36.95 -1.11 19.21
N ILE C 165 37.12 -0.13 20.10
CA ILE C 165 35.98 0.73 20.47
C ILE C 165 35.46 1.48 19.25
N LEU C 166 36.36 2.08 18.49
CA LEU C 166 35.95 2.87 17.34
C LEU C 166 35.24 2.00 16.30
N THR C 167 35.74 0.79 16.07
CA THR C 167 35.09 -0.10 15.11
C THR C 167 33.69 -0.48 15.59
N THR C 168 33.54 -0.78 16.88
CA THR C 168 32.22 -1.09 17.42
C THR C 168 31.24 0.05 17.17
N LEU C 169 31.63 1.27 17.58
CA LEU C 169 30.74 2.42 17.40
C LEU C 169 30.41 2.66 15.93
N VAL C 170 31.41 2.65 15.05
CA VAL C 170 31.13 2.98 13.65
C VAL C 170 30.21 1.92 13.03
N GLY C 171 30.50 0.64 13.26
CA GLY C 171 29.68 -0.40 12.67
C GLY C 171 28.25 -0.38 13.20
N ASN C 172 28.10 -0.28 14.51
CA ASN C 172 26.76 -0.32 15.09
C ASN C 172 25.96 0.92 14.71
N LEU C 173 26.60 2.10 14.70
CA LEU C 173 25.90 3.31 14.28
C LEU C 173 25.49 3.23 12.82
N ILE C 174 26.35 2.68 11.96
CA ILE C 174 25.99 2.51 10.56
C ILE C 174 24.78 1.60 10.43
N VAL C 175 24.78 0.48 11.14
CA VAL C 175 23.64 -0.44 11.07
C VAL C 175 22.37 0.23 11.58
N ILE C 176 22.46 0.97 12.69
CA ILE C 176 21.29 1.62 13.26
C ILE C 176 20.71 2.64 12.28
N VAL C 177 21.57 3.51 11.73
CA VAL C 177 21.06 4.53 10.83
C VAL C 177 20.56 3.93 9.53
N SER C 178 21.13 2.80 9.10
CA SER C 178 20.65 2.16 7.87
C SER C 178 19.29 1.53 8.07
N ILE C 179 19.10 0.80 9.17
CA ILE C 179 17.81 0.15 9.40
C ILE C 179 16.73 1.17 9.72
N SER C 180 17.06 2.18 10.53
CA SER C 180 16.03 3.12 10.98
C SER C 180 15.56 4.04 9.85
N HIS C 181 16.40 4.30 8.86
CA HIS C 181 16.05 5.27 7.83
C HIS C 181 15.35 4.61 6.65
N PHE C 182 16.01 3.64 6.01
CA PHE C 182 15.50 3.08 4.76
C PHE C 182 14.24 2.26 5.00
N LYS C 183 13.19 2.54 4.23
CA LYS C 183 11.98 1.75 4.28
C LYS C 183 12.15 0.40 3.59
N GLN C 184 13.17 0.25 2.75
CA GLN C 184 13.48 -1.04 2.16
C GLN C 184 14.03 -2.01 3.20
N LEU C 185 14.45 -1.52 4.37
CA LEU C 185 15.02 -2.34 5.43
C LEU C 185 14.16 -2.33 6.69
N HIS C 186 12.86 -2.05 6.56
CA HIS C 186 11.95 -2.12 7.71
C HIS C 186 11.28 -3.48 7.83
N THR C 187 12.10 -4.54 7.84
CA THR C 187 11.62 -5.90 8.03
C THR C 187 11.87 -6.34 9.47
N PRO C 188 11.05 -7.26 10.00
CA PRO C 188 11.22 -7.67 11.40
C PRO C 188 12.60 -8.23 11.73
N THR C 189 13.19 -9.03 10.82
CA THR C 189 14.55 -9.49 11.03
C THR C 189 15.51 -8.31 11.10
N ASN C 190 15.24 -7.26 10.31
CA ASN C 190 16.04 -6.06 10.40
C ASN C 190 15.81 -5.32 11.70
N TRP C 191 14.63 -5.44 12.30
CA TRP C 191 14.43 -4.92 13.65
C TRP C 191 15.25 -5.68 14.67
N LEU C 192 15.35 -7.00 14.53
CA LEU C 192 16.27 -7.75 15.40
C LEU C 192 17.70 -7.28 15.21
N ILE C 193 18.13 -7.08 13.97
CA ILE C 193 19.49 -6.63 13.71
C ILE C 193 19.71 -5.22 14.26
N HIS C 194 18.71 -4.35 14.14
CA HIS C 194 18.83 -2.99 14.66
C HIS C 194 18.91 -2.99 16.18
N SER C 195 18.13 -3.85 16.84
CA SER C 195 18.23 -3.96 18.29
C SER C 195 19.59 -4.50 18.70
N MET C 196 20.13 -5.46 17.94
CA MET C 196 21.50 -5.92 18.16
C MET C 196 22.50 -4.78 18.04
N ALA C 197 22.36 -3.97 16.99
CA ALA C 197 23.28 -2.86 16.78
C ALA C 197 23.18 -1.84 17.89
N THR C 198 21.96 -1.56 18.35
CA THR C 198 21.78 -0.63 19.47
C THR C 198 22.42 -1.18 20.74
N VAL C 199 22.24 -2.48 21.00
CA VAL C 199 22.85 -3.10 22.18
C VAL C 199 24.37 -2.96 22.11
N ASP C 200 24.96 -3.29 20.97
CA ASP C 200 26.42 -3.25 20.88
C ASP C 200 26.96 -1.81 20.88
N PHE C 201 26.22 -0.87 20.30
CA PHE C 201 26.65 0.52 20.33
C PHE C 201 26.60 1.09 21.74
N LEU C 202 25.53 0.78 22.48
CA LEU C 202 25.46 1.17 23.88
C LEU C 202 26.57 0.50 24.68
N LEU C 203 26.91 -0.75 24.33
CA LEU C 203 28.03 -1.41 24.96
C LEU C 203 29.32 -0.61 24.74
N GLY C 204 29.56 -0.22 23.49
CA GLY C 204 30.74 0.54 23.15
C GLY C 204 30.83 1.89 23.82
N CYS C 205 29.72 2.61 23.92
CA CYS C 205 29.73 3.95 24.50
C CYS C 205 29.46 3.98 26.00
N LEU C 206 29.18 2.84 26.64
CA LEU C 206 29.10 2.82 28.09
C LEU C 206 30.18 1.98 28.77
N VAL C 207 30.28 0.69 28.44
CA VAL C 207 31.00 -0.26 29.29
C VAL C 207 32.46 -0.39 28.85
N MET C 208 32.73 -0.31 27.55
CA MET C 208 34.10 -0.53 27.07
C MET C 208 35.11 0.58 27.38
N PRO C 209 34.75 1.86 27.52
CA PRO C 209 35.82 2.83 27.86
C PRO C 209 36.30 2.72 29.30
N TYR C 210 35.39 2.55 30.26
CA TYR C 210 35.82 2.40 31.64
C TYR C 210 36.53 1.06 31.87
N SER C 211 36.01 -0.01 31.26
CA SER C 211 36.74 -1.27 31.28
C SER C 211 38.08 -1.15 30.56
N MET C 212 38.14 -0.29 29.54
CA MET C 212 39.40 -0.01 28.85
C MET C 212 40.41 0.62 29.80
N VAL C 213 39.98 1.60 30.57
CA VAL C 213 40.86 2.23 31.55
C VAL C 213 41.28 1.20 32.60
N ARG C 214 40.34 0.38 33.05
CA ARG C 214 40.64 -0.66 34.04
C ARG C 214 41.72 -1.61 33.52
N SER C 215 41.61 -2.03 32.25
CA SER C 215 42.65 -2.85 31.65
C SER C 215 43.92 -2.06 31.38
N ALA C 216 43.82 -0.73 31.30
CA ALA C 216 44.98 0.10 31.03
C ALA C 216 45.91 0.15 32.23
N GLU C 217 45.42 0.65 33.37
CA GLU C 217 46.28 0.72 34.55
C GLU C 217 46.04 -0.41 35.54
N HIS C 218 45.31 -1.45 35.15
CA HIS C 218 45.09 -2.63 35.98
C HIS C 218 44.44 -2.28 37.33
N CYS C 219 43.64 -1.22 37.35
CA CYS C 219 43.00 -0.78 38.58
C CYS C 219 41.78 0.05 38.24
N TRP C 220 40.88 0.18 39.23
CA TRP C 220 39.68 0.99 39.09
C TRP C 220 39.93 2.37 39.68
N TYR C 221 39.63 3.41 38.90
CA TYR C 221 39.78 4.80 39.33
C TYR C 221 38.45 5.55 39.20
N PHE C 222 37.32 4.84 39.35
CA PHE C 222 36.02 5.42 39.06
C PHE C 222 34.99 5.26 40.19
N GLY C 223 35.30 4.53 41.24
CA GLY C 223 34.37 4.44 42.35
C GLY C 223 33.70 3.08 42.42
N GLU C 224 33.30 2.70 43.64
CA GLU C 224 32.68 1.40 43.87
C GLU C 224 31.25 1.33 43.35
N VAL C 225 30.46 2.39 43.56
CA VAL C 225 29.10 2.39 43.02
C VAL C 225 29.13 2.36 41.50
N PHE C 226 30.02 3.15 40.89
CA PHE C 226 30.18 3.08 39.44
C PHE C 226 30.77 1.74 39.03
N CYS C 227 31.57 1.11 39.89
CA CYS C 227 32.05 -0.25 39.61
C CYS C 227 30.89 -1.22 39.46
N LYS C 228 29.98 -1.23 40.42
CA LYS C 228 28.83 -2.13 40.35
C LYS C 228 27.94 -1.78 39.16
N ILE C 229 27.73 -0.49 38.90
CA ILE C 229 26.92 -0.07 37.76
C ILE C 229 27.53 -0.59 36.46
N HIS C 230 28.83 -0.47 36.24
CA HIS C 230 29.47 -0.95 35.05
C HIS C 230 29.29 -2.40 34.97
N THR C 231 29.72 -3.07 35.97
CA THR C 231 29.66 -4.53 35.86
C THR C 231 28.27 -5.00 35.48
N SER C 232 27.25 -4.46 36.14
CA SER C 232 25.88 -4.88 35.87
C SER C 232 25.49 -4.56 34.43
N THR C 233 25.79 -3.35 33.95
CA THR C 233 25.39 -3.01 32.60
C THR C 233 26.23 -3.75 31.56
N ASP C 234 27.52 -4.06 31.86
CA ASP C 234 28.37 -4.90 31.00
C ASP C 234 27.87 -6.35 30.88
N ILE C 235 27.33 -6.89 31.90
CA ILE C 235 26.68 -8.20 31.83
C ILE C 235 25.37 -8.09 31.06
N MET C 236 24.59 -7.04 31.37
CA MET C 236 23.29 -6.85 30.73
C MET C 236 23.43 -6.76 29.21
N LEU C 237 24.34 -5.92 28.73
CA LEU C 237 24.43 -5.72 27.28
C LEU C 237 25.09 -6.89 26.57
N SER C 238 26.06 -7.56 27.20
CA SER C 238 26.64 -8.75 26.57
C SER C 238 25.60 -9.86 26.45
N SER C 239 24.84 -10.11 27.51
CA SER C 239 23.80 -11.12 27.43
C SER C 239 22.69 -10.71 26.46
N ALA C 240 22.39 -9.42 26.37
CA ALA C 240 21.40 -8.94 25.40
C ALA C 240 21.88 -9.20 23.97
N SER C 241 23.16 -8.95 23.71
CA SER C 241 23.71 -9.21 22.38
C SER C 241 23.63 -10.71 22.06
N ILE C 242 23.97 -11.56 23.02
CA ILE C 242 23.89 -13.00 22.78
C ILE C 242 22.46 -13.42 22.53
N PHE C 243 21.51 -12.87 23.29
CA PHE C 243 20.10 -13.20 23.10
C PHE C 243 19.62 -12.75 21.72
N HIS C 244 20.07 -11.58 21.27
CA HIS C 244 19.73 -11.13 19.94
C HIS C 244 20.29 -12.07 18.87
N LEU C 245 21.52 -12.56 19.08
CA LEU C 245 22.09 -13.56 18.19
C LEU C 245 21.19 -14.80 18.12
N SER C 246 20.77 -15.29 19.28
CA SER C 246 19.94 -16.48 19.33
C SER C 246 18.59 -16.27 18.64
N PHE C 247 17.98 -15.10 18.84
CA PHE C 247 16.69 -14.84 18.22
C PHE C 247 16.82 -14.64 16.72
N ILE C 248 17.92 -14.05 16.25
CA ILE C 248 18.16 -13.96 14.81
C ILE C 248 18.33 -15.35 14.22
N SER C 249 19.03 -16.23 14.94
CA SER C 249 19.15 -17.62 14.47
C SER C 249 17.79 -18.29 14.40
N ILE C 250 16.94 -18.07 15.41
CA ILE C 250 15.59 -18.66 15.39
C ILE C 250 14.79 -18.13 14.21
N ASP C 251 14.87 -16.82 13.96
CA ASP C 251 14.17 -16.24 12.83
C ASP C 251 14.63 -16.83 11.50
N ARG C 252 15.95 -16.99 11.36
CA ARG C 252 16.48 -17.61 10.14
C ARG C 252 16.04 -19.06 10.03
N TYR C 253 15.85 -19.74 11.16
CA TYR C 253 15.34 -21.11 11.13
C TYR C 253 13.91 -21.15 10.61
N TYR C 254 13.03 -20.31 11.17
CA TYR C 254 11.64 -20.32 10.76
C TYR C 254 11.45 -19.85 9.33
N ALA C 255 12.45 -19.20 8.74
CA ALA C 255 12.39 -18.85 7.32
C ALA C 255 12.74 -20.02 6.42
N VAL C 256 13.28 -21.11 6.96
CA VAL C 256 13.70 -22.26 6.16
C VAL C 256 12.92 -23.51 6.51
N CYS C 257 12.72 -23.79 7.80
CA CYS C 257 11.95 -24.97 8.20
C CYS C 257 10.48 -24.81 7.81
N ASP C 258 9.94 -23.60 7.96
CA ASP C 258 8.55 -23.30 7.61
C ASP C 258 8.53 -22.09 6.69
N PRO C 259 8.99 -22.25 5.44
CA PRO C 259 9.00 -21.09 4.53
C PRO C 259 7.61 -20.62 4.15
N LEU C 260 6.62 -21.52 4.10
CA LEU C 260 5.27 -21.13 3.75
C LEU C 260 4.58 -20.37 4.88
N ARG C 261 5.14 -20.43 6.08
CA ARG C 261 4.52 -19.76 7.26
C ARG C 261 5.54 -18.83 7.92
N TYR C 262 6.49 -18.31 7.16
CA TYR C 262 7.52 -17.44 7.73
C TYR C 262 6.96 -16.07 8.08
N LYS C 263 6.46 -15.35 7.07
CA LYS C 263 5.99 -13.98 7.28
C LYS C 263 4.76 -13.93 8.18
N ALA C 264 4.07 -15.05 8.38
CA ALA C 264 2.95 -15.06 9.31
C ALA C 264 3.43 -15.29 10.74
N LYS C 265 4.33 -16.26 10.94
CA LYS C 265 4.84 -16.55 12.28
C LYS C 265 5.75 -15.44 12.77
N MET C 266 6.68 -14.99 11.92
CA MET C 266 7.61 -13.92 12.29
C MET C 266 7.13 -12.57 11.78
N ASN C 267 6.00 -12.13 12.35
CA ASN C 267 5.50 -10.80 12.12
C ASN C 267 6.19 -9.82 13.06
N ILE C 268 5.74 -8.56 13.05
CA ILE C 268 6.36 -7.54 13.89
C ILE C 268 6.11 -7.82 15.38
N LEU C 269 4.99 -8.46 15.71
CA LEU C 269 4.66 -8.68 17.12
C LEU C 269 5.65 -9.64 17.79
N VAL C 270 5.89 -10.79 17.16
CA VAL C 270 6.79 -11.78 17.75
C VAL C 270 8.21 -11.23 17.82
N ILE C 271 8.62 -10.49 16.81
CA ILE C 271 9.97 -9.92 16.80
C ILE C 271 10.12 -8.86 17.88
N CYS C 272 9.10 -8.03 18.07
CA CYS C 272 9.14 -7.07 19.17
C CYS C 272 9.18 -7.79 20.51
N VAL C 273 8.48 -8.92 20.63
CA VAL C 273 8.56 -9.73 21.84
C VAL C 273 9.98 -10.21 22.07
N MET C 274 10.64 -10.69 21.00
CA MET C 274 12.02 -11.14 21.13
C MET C 274 12.95 -10.00 21.54
N ILE C 275 12.75 -8.81 20.96
CA ILE C 275 13.58 -7.67 21.32
C ILE C 275 13.39 -7.30 22.78
N PHE C 276 12.14 -7.28 23.23
CA PHE C 276 11.88 -6.95 24.64
C PHE C 276 12.48 -8.00 25.56
N ILE C 277 12.38 -9.28 25.19
CA ILE C 277 12.98 -10.33 26.01
C ILE C 277 14.50 -10.15 26.08
N SER C 278 15.13 -9.89 24.94
CA SER C 278 16.59 -9.72 24.92
C SER C 278 17.02 -8.50 25.73
N TRP C 279 16.21 -7.46 25.75
CA TRP C 279 16.55 -6.27 26.52
C TRP C 279 16.15 -6.34 28.00
N SER C 280 15.27 -7.28 28.36
CA SER C 280 14.74 -7.35 29.72
C SER C 280 15.29 -8.50 30.54
N VAL C 281 15.21 -9.74 30.03
CA VAL C 281 15.67 -10.90 30.81
C VAL C 281 17.15 -10.78 31.17
N PRO C 282 18.05 -10.46 30.25
CA PRO C 282 19.43 -10.16 30.68
C PRO C 282 19.50 -9.01 31.67
N ALA C 283 18.67 -7.98 31.49
CA ALA C 283 18.66 -6.86 32.43
C ALA C 283 18.31 -7.33 33.84
N VAL C 284 17.19 -8.04 33.96
CA VAL C 284 16.73 -8.49 35.28
C VAL C 284 17.77 -9.41 35.90
N PHE C 285 18.41 -10.25 35.14
CA PHE C 285 19.29 -11.21 35.76
C PHE C 285 20.57 -10.62 36.12
N ALA C 286 21.07 -9.76 35.27
CA ALA C 286 22.33 -9.11 35.60
C ALA C 286 22.18 -8.22 36.82
N PHE C 287 21.10 -7.43 36.89
CA PHE C 287 20.92 -6.56 38.04
C PHE C 287 20.64 -7.35 39.31
N GLY C 288 19.91 -8.45 39.21
CA GLY C 288 19.71 -9.30 40.38
C GLY C 288 20.99 -9.97 40.85
N MET C 289 21.85 -10.34 39.90
CA MET C 289 23.12 -10.97 40.28
C MET C 289 24.07 -9.95 40.89
N ILE C 290 24.07 -8.71 40.41
CA ILE C 290 25.05 -7.73 40.88
C ILE C 290 24.55 -7.02 42.14
N PHE C 291 23.44 -6.30 42.02
CA PHE C 291 23.01 -5.44 43.12
C PHE C 291 22.41 -6.23 44.28
N LEU C 292 21.63 -7.27 43.98
CA LEU C 292 20.98 -8.05 45.02
C LEU C 292 21.92 -9.05 45.70
N GLU C 293 23.22 -8.94 45.45
CA GLU C 293 24.25 -9.80 46.06
C GLU C 293 24.06 -11.27 45.71
N LEU C 294 23.39 -11.56 44.60
CA LEU C 294 23.31 -12.92 44.08
C LEU C 294 24.56 -13.32 43.30
N ASN C 295 25.56 -12.45 43.25
CA ASN C 295 26.79 -12.76 42.50
C ASN C 295 27.49 -13.97 43.05
N PHE C 296 27.55 -14.10 44.36
CA PHE C 296 28.25 -15.22 44.99
C PHE C 296 27.39 -16.01 45.96
N LYS C 297 26.51 -15.33 46.71
CA LYS C 297 25.59 -15.96 47.66
C LYS C 297 26.36 -16.53 48.84
N GLY C 298 27.68 -16.44 48.80
CA GLY C 298 28.52 -16.97 49.86
C GLY C 298 29.98 -16.75 49.54
N ALA C 299 30.83 -17.33 50.38
CA ALA C 299 32.28 -17.22 50.24
C ALA C 299 32.72 -15.76 50.19
N GLU C 300 32.29 -14.99 51.19
CA GLU C 300 32.62 -13.57 51.24
C GLU C 300 34.11 -13.33 51.38
N GLU C 301 34.81 -14.16 52.16
CA GLU C 301 36.26 -14.06 52.24
C GLU C 301 36.91 -14.36 50.91
N ILE C 302 36.38 -15.36 50.18
CA ILE C 302 36.90 -15.64 48.85
C ILE C 302 36.57 -14.49 47.90
N TYR C 303 35.42 -13.85 48.07
CA TYR C 303 35.11 -12.66 47.28
C TYR C 303 36.13 -11.54 47.53
N TYR C 304 36.48 -11.32 48.81
CA TYR C 304 37.46 -10.30 49.13
C TYR C 304 38.84 -10.65 48.56
N LYS C 305 39.22 -11.93 48.64
CA LYS C 305 40.49 -12.35 48.05
C LYS C 305 40.49 -12.15 46.54
N HIS C 306 39.36 -12.43 45.89
CA HIS C 306 39.22 -12.15 44.46
C HIS C 306 39.38 -10.67 44.17
N VAL C 307 38.82 -9.82 45.05
CA VAL C 307 39.05 -8.39 44.93
C VAL C 307 40.52 -8.07 45.14
N HIS C 308 41.15 -8.70 46.14
CA HIS C 308 42.56 -8.46 46.43
C HIS C 308 43.49 -8.99 45.35
N CYS C 309 42.99 -9.81 44.41
CA CYS C 309 43.84 -10.32 43.34
C CYS C 309 44.37 -9.19 42.48
N ARG C 310 43.51 -8.23 42.13
CA ARG C 310 43.93 -7.08 41.34
C ARG C 310 43.48 -5.74 41.91
N GLY C 311 42.39 -5.68 42.67
CA GLY C 311 41.89 -4.43 43.20
C GLY C 311 41.24 -3.50 42.21
N GLY C 312 41.05 -3.93 40.97
CA GLY C 312 40.51 -3.08 39.94
C GLY C 312 39.21 -3.57 39.35
N CYS C 313 38.27 -3.99 40.19
CA CYS C 313 36.95 -4.47 39.76
C CYS C 313 37.07 -5.67 38.82
N SER C 314 37.59 -6.76 39.37
CA SER C 314 37.46 -8.08 38.76
C SER C 314 36.33 -8.81 39.44
N VAL C 315 35.26 -9.10 38.67
CA VAL C 315 34.08 -9.81 39.17
C VAL C 315 34.30 -11.22 39.66
N PHE C 316 33.76 -11.55 40.81
CA PHE C 316 33.88 -12.88 41.39
C PHE C 316 32.61 -13.68 41.10
N PHE C 317 32.78 -15.00 40.96
CA PHE C 317 31.66 -15.88 40.68
C PHE C 317 31.77 -17.15 41.51
N SER C 318 30.67 -17.54 42.13
CA SER C 318 30.57 -18.84 42.77
C SER C 318 30.29 -19.90 41.71
N LYS C 319 30.45 -21.17 42.10
CA LYS C 319 30.22 -22.27 41.17
C LYS C 319 28.78 -22.29 40.69
N ILE C 320 27.82 -22.14 41.60
CA ILE C 320 26.42 -22.14 41.21
C ILE C 320 26.10 -20.92 40.36
N SER C 321 26.57 -19.74 40.77
CA SER C 321 26.34 -18.54 39.97
C SER C 321 27.07 -18.62 38.62
N GLY C 322 28.28 -19.19 38.62
CA GLY C 322 29.00 -19.34 37.38
C GLY C 322 28.28 -20.24 36.39
N VAL C 323 27.80 -21.39 36.86
CA VAL C 323 27.08 -22.28 35.96
C VAL C 323 25.74 -21.68 35.55
N LEU C 324 25.09 -20.91 36.43
CA LEU C 324 23.84 -20.27 36.06
C LEU C 324 24.04 -19.24 34.97
N THR C 325 25.12 -18.45 35.04
CA THR C 325 25.38 -17.43 34.03
C THR C 325 25.96 -18.05 32.81
N PHE C 326 26.56 -19.21 32.88
CA PHE C 326 26.93 -19.96 31.69
C PHE C 326 25.71 -20.46 30.94
N MET C 327 24.75 -21.03 31.68
CA MET C 327 23.54 -21.55 31.05
C MET C 327 22.71 -20.42 30.44
N THR C 328 22.42 -19.39 31.22
CA THR C 328 21.53 -18.34 30.75
C THR C 328 22.19 -17.48 29.67
N SER C 329 23.36 -16.93 29.97
CA SER C 329 23.98 -15.97 29.06
C SER C 329 24.57 -16.64 27.82
N PHE C 330 25.19 -17.81 27.97
CA PHE C 330 25.92 -18.41 26.86
C PHE C 330 25.34 -19.75 26.42
N TYR C 331 25.18 -20.72 27.33
CA TYR C 331 24.97 -22.10 26.88
C TYR C 331 23.60 -22.29 26.24
N ILE C 332 22.55 -21.70 26.81
CA ILE C 332 21.22 -21.86 26.22
C ILE C 332 21.17 -21.18 24.86
N PRO C 333 21.49 -19.88 24.73
CA PRO C 333 21.47 -19.27 23.39
C PRO C 333 22.48 -19.89 22.45
N GLY C 334 23.66 -20.26 22.96
CA GLY C 334 24.68 -20.85 22.09
C GLY C 334 24.25 -22.19 21.54
N SER C 335 23.68 -23.04 22.39
CA SER C 335 23.19 -24.34 21.94
C SER C 335 21.98 -24.19 21.02
N ILE C 336 21.12 -23.20 21.29
CA ILE C 336 20.00 -22.94 20.39
C ILE C 336 20.52 -22.56 19.01
N MET C 337 21.48 -21.66 18.97
CA MET C 337 22.07 -21.27 17.69
C MET C 337 22.73 -22.47 17.01
N LEU C 338 23.44 -23.30 17.77
CA LEU C 338 24.16 -24.42 17.19
C LEU C 338 23.20 -25.43 16.58
N CYS C 339 22.15 -25.82 17.31
CA CYS C 339 21.20 -26.79 16.77
C CYS C 339 20.41 -26.21 15.61
N VAL C 340 19.92 -24.98 15.76
CA VAL C 340 19.20 -24.32 14.68
C VAL C 340 20.04 -24.27 13.42
N TYR C 341 21.29 -23.84 13.54
CA TYR C 341 22.12 -23.69 12.36
C TYR C 341 22.63 -25.02 11.82
N TYR C 342 22.75 -26.07 12.64
CA TYR C 342 23.03 -27.39 12.09
C TYR C 342 21.86 -27.88 11.25
N ARG C 343 20.62 -27.67 11.73
CA ARG C 343 19.46 -28.02 10.93
C ARG C 343 19.41 -27.21 9.64
N ILE C 344 19.73 -25.92 9.73
CA ILE C 344 19.79 -25.06 8.54
C ILE C 344 20.83 -25.58 7.56
N TYR C 345 21.99 -25.98 8.06
CA TYR C 345 23.04 -26.53 7.21
C TYR C 345 22.58 -27.79 6.51
N LEU C 346 21.91 -28.68 7.24
CA LEU C 346 21.42 -29.91 6.64
C LEU C 346 20.42 -29.62 5.52
N ILE C 347 19.47 -28.71 5.78
CA ILE C 347 18.46 -28.40 4.78
C ILE C 347 19.10 -27.74 3.56
N ALA C 348 19.96 -26.76 3.79
CA ALA C 348 20.60 -26.06 2.68
C ALA C 348 21.46 -27.00 1.87
N LYS C 349 22.15 -27.93 2.52
CA LYS C 349 22.94 -28.92 1.80
C LYS C 349 22.06 -29.84 0.97
N GLU C 350 20.90 -30.24 1.51
CA GLU C 350 20.03 -31.13 0.74
C GLU C 350 19.49 -30.43 -0.51
N GLN C 351 19.18 -29.15 -0.42
CA GLN C 351 18.62 -28.35 -1.54
C GLN C 351 19.73 -27.79 -2.40
N ALA C 352 20.96 -27.84 -2.03
CA ALA C 352 22.11 -27.63 -2.90
C ALA C 352 22.45 -28.89 -3.69
N ARG C 353 22.39 -30.05 -3.02
CA ARG C 353 22.62 -31.31 -3.72
C ARG C 353 21.55 -31.57 -4.76
N LEU C 354 20.29 -31.25 -4.44
CA LEU C 354 19.23 -31.42 -5.43
C LEU C 354 19.48 -30.55 -6.65
N ILE C 355 19.86 -29.29 -6.45
CA ILE C 355 20.13 -28.39 -7.58
C ILE C 355 21.32 -28.90 -8.38
N SER C 356 22.37 -29.35 -7.69
CA SER C 356 23.55 -29.84 -8.39
C SER C 356 23.24 -31.09 -9.21
N ASP C 357 22.44 -32.00 -8.67
CA ASP C 357 22.13 -33.22 -9.40
C ASP C 357 21.21 -32.92 -10.59
N ALA C 358 20.29 -31.97 -10.44
CA ALA C 358 19.48 -31.55 -11.57
C ALA C 358 20.35 -30.92 -12.66
N ASN C 359 21.31 -30.07 -12.27
CA ASN C 359 22.17 -29.43 -13.24
C ASN C 359 23.06 -30.45 -13.97
N GLN C 360 23.59 -31.44 -13.25
CA GLN C 360 24.40 -32.45 -13.91
C GLN C 360 23.54 -33.39 -14.74
N LYS C 361 22.26 -33.55 -14.39
CA LYS C 361 21.33 -34.25 -15.26
C LYS C 361 21.14 -33.49 -16.57
N LEU C 362 21.05 -32.16 -16.49
CA LEU C 362 20.99 -31.35 -17.71
C LEU C 362 22.26 -31.52 -18.53
N GLN C 363 23.42 -31.53 -17.88
CA GLN C 363 24.69 -31.68 -18.57
C GLN C 363 24.83 -33.08 -19.16
N LYS C 379 28.00 -21.92 -0.36
CA LYS C 379 27.49 -20.76 0.36
C LYS C 379 27.00 -21.14 1.75
N ALA C 380 26.30 -22.27 1.86
CA ALA C 380 25.82 -22.71 3.16
C ALA C 380 26.97 -22.96 4.13
N VAL C 381 27.98 -23.71 3.68
CA VAL C 381 29.13 -23.97 4.54
C VAL C 381 29.81 -22.67 4.94
N LYS C 382 30.00 -21.78 3.99
CA LYS C 382 30.67 -20.51 4.28
C LYS C 382 29.91 -19.71 5.33
N THR C 383 28.60 -19.53 5.14
CA THR C 383 27.82 -18.70 6.05
C THR C 383 27.73 -19.34 7.43
N LEU C 384 27.40 -20.63 7.50
CA LEU C 384 27.26 -21.30 8.78
C LEU C 384 28.59 -21.32 9.53
N GLY C 385 29.68 -21.64 8.83
CA GLY C 385 30.98 -21.63 9.45
C GLY C 385 31.37 -20.26 9.96
N ILE C 386 31.10 -19.22 9.18
CA ILE C 386 31.42 -17.86 9.63
C ILE C 386 30.67 -17.54 10.91
N VAL C 387 29.35 -17.77 10.91
CA VAL C 387 28.54 -17.38 12.05
C VAL C 387 28.98 -18.13 13.31
N MET C 388 28.98 -19.46 13.25
CA MET C 388 29.38 -20.26 14.41
C MET C 388 30.83 -20.03 14.80
N GLY C 389 31.73 -19.91 13.84
CA GLY C 389 33.12 -19.69 14.19
C GLY C 389 33.33 -18.39 14.92
N VAL C 390 32.74 -17.30 14.43
CA VAL C 390 32.88 -16.02 15.11
C VAL C 390 32.29 -16.11 16.52
N PHE C 391 31.04 -16.60 16.62
CA PHE C 391 30.37 -16.62 17.92
C PHE C 391 31.16 -17.47 18.92
N LEU C 392 31.58 -18.67 18.49
CA LEU C 392 32.27 -19.57 19.41
C LEU C 392 33.65 -19.03 19.78
N ILE C 393 34.47 -18.67 18.79
CA ILE C 393 35.82 -18.22 19.07
C ILE C 393 35.80 -16.93 19.89
N CYS C 394 34.68 -16.21 19.89
CA CYS C 394 34.65 -14.97 20.64
C CYS C 394 34.04 -15.12 22.04
N TRP C 395 33.08 -16.02 22.23
CA TRP C 395 32.48 -16.16 23.56
C TRP C 395 32.92 -17.42 24.31
N CYS C 396 33.01 -18.56 23.63
CA CYS C 396 33.23 -19.82 24.31
C CYS C 396 34.47 -19.84 25.20
N PRO C 397 35.66 -19.40 24.75
CA PRO C 397 36.80 -19.40 25.69
C PRO C 397 36.53 -18.56 26.93
N PHE C 398 35.92 -17.39 26.77
CA PHE C 398 35.63 -16.54 27.92
C PHE C 398 34.73 -17.24 28.92
N PHE C 399 33.62 -17.81 28.45
CA PHE C 399 32.66 -18.41 29.36
C PHE C 399 33.21 -19.69 29.99
N ILE C 400 33.88 -20.52 29.19
CA ILE C 400 34.48 -21.74 29.74
C ILE C 400 35.47 -21.42 30.84
N CYS C 401 36.37 -20.46 30.59
CA CYS C 401 37.33 -20.09 31.63
C CYS C 401 36.63 -19.47 32.83
N THR C 402 35.63 -18.62 32.59
CA THR C 402 34.94 -17.92 33.67
C THR C 402 34.13 -18.87 34.54
N VAL C 403 33.76 -20.05 34.01
CA VAL C 403 32.99 -20.99 34.83
C VAL C 403 33.89 -22.08 35.39
N MET C 404 35.04 -22.32 34.76
CA MET C 404 36.00 -23.26 35.34
C MET C 404 36.78 -22.66 36.50
N ASP C 405 36.99 -21.35 36.49
CA ASP C 405 37.69 -20.71 37.61
C ASP C 405 36.99 -20.93 38.93
N PRO C 406 35.67 -20.74 39.07
CA PRO C 406 35.02 -21.11 40.34
C PRO C 406 35.16 -22.59 40.68
N PHE C 407 35.08 -23.46 39.67
CA PHE C 407 35.29 -24.89 39.92
C PHE C 407 36.73 -25.19 40.26
N LEU C 408 37.67 -24.50 39.63
CA LEU C 408 39.09 -24.63 39.95
C LEU C 408 39.40 -23.79 41.17
N HIS C 409 40.70 -23.60 41.46
CA HIS C 409 41.15 -22.75 42.56
C HIS C 409 41.38 -21.31 42.10
N TYR C 410 40.71 -20.88 41.03
CA TYR C 410 40.87 -19.54 40.46
C TYR C 410 42.32 -19.27 40.08
N ILE C 411 43.04 -20.31 39.66
CA ILE C 411 44.44 -20.15 39.23
C ILE C 411 44.39 -19.85 37.72
N ILE C 412 44.18 -18.57 37.41
CA ILE C 412 44.13 -18.11 36.03
C ILE C 412 44.79 -16.74 35.96
N PRO C 413 45.63 -16.48 34.96
CA PRO C 413 46.26 -15.15 34.84
C PRO C 413 45.21 -14.07 34.63
N PRO C 414 45.32 -12.95 35.34
CA PRO C 414 44.38 -11.84 35.09
C PRO C 414 44.43 -11.32 33.67
N THR C 415 45.60 -11.36 33.02
CA THR C 415 45.70 -10.92 31.64
C THR C 415 44.90 -11.83 30.71
N LEU C 416 44.91 -13.14 30.96
CA LEU C 416 44.12 -14.06 30.17
C LEU C 416 42.63 -13.76 30.32
N ASN C 417 42.18 -13.55 31.57
CA ASN C 417 40.79 -13.17 31.79
C ASN C 417 40.46 -11.90 31.02
N ASP C 418 41.31 -10.87 31.14
CA ASP C 418 41.03 -9.59 30.51
C ASP C 418 40.94 -9.72 29.00
N VAL C 419 41.85 -10.50 28.39
CA VAL C 419 41.75 -10.68 26.95
C VAL C 419 40.53 -11.52 26.59
N LEU C 420 39.99 -12.31 27.52
CA LEU C 420 38.72 -12.98 27.25
C LEU C 420 37.55 -11.99 27.26
N ILE C 421 37.54 -11.04 28.21
CA ILE C 421 36.58 -9.94 28.12
C ILE C 421 36.72 -9.21 26.79
N TRP C 422 37.95 -9.00 26.35
CA TRP C 422 38.14 -8.30 25.08
C TRP C 422 37.72 -9.15 23.90
N PHE C 423 37.67 -10.44 24.07
CA PHE C 423 37.14 -11.27 23.01
C PHE C 423 35.67 -11.02 22.98
N GLY C 424 35.04 -11.11 24.10
CA GLY C 424 33.60 -10.82 24.11
C GLY C 424 33.28 -9.50 23.45
N TYR C 425 34.05 -8.46 23.79
CA TYR C 425 33.91 -7.18 23.11
C TYR C 425 34.18 -7.31 21.62
N LEU C 426 35.06 -8.24 21.24
CA LEU C 426 35.37 -8.45 19.84
C LEU C 426 34.22 -9.11 19.10
N ASN C 427 33.47 -9.98 19.78
CA ASN C 427 32.21 -10.47 19.21
C ASN C 427 31.24 -9.32 19.03
N SER C 428 31.14 -8.45 20.04
CA SER C 428 30.32 -7.25 19.88
C SER C 428 30.78 -6.44 18.68
N THR C 429 32.08 -6.44 18.40
CA THR C 429 32.62 -5.74 17.24
C THR C 429 32.17 -6.37 15.93
N PHE C 430 32.32 -7.69 15.81
CA PHE C 430 31.95 -8.37 14.56
C PHE C 430 30.45 -8.56 14.39
N ASN C 431 29.64 -8.35 15.42
CA ASN C 431 28.20 -8.57 15.29
C ASN C 431 27.57 -7.79 14.14
N PRO C 432 27.84 -6.49 13.94
CA PRO C 432 27.33 -5.84 12.72
C PRO C 432 27.85 -6.46 11.44
N MET C 433 29.10 -6.93 11.43
CA MET C 433 29.73 -7.42 10.21
C MET C 433 29.30 -8.82 9.82
N VAL C 434 28.60 -9.54 10.70
CA VAL C 434 28.20 -10.92 10.41
C VAL C 434 26.73 -10.95 10.00
N TYR C 435 25.92 -10.08 10.60
CA TYR C 435 24.48 -10.11 10.39
C TYR C 435 23.95 -8.97 9.55
N ALA C 436 24.74 -7.92 9.30
CA ALA C 436 24.31 -6.82 8.46
C ALA C 436 25.16 -6.70 7.19
N PHE C 437 26.47 -6.54 7.31
CA PHE C 437 27.32 -6.29 6.15
C PHE C 437 27.62 -7.55 5.34
N PHE C 438 27.22 -8.72 5.82
CA PHE C 438 27.48 -9.97 5.12
C PHE C 438 26.48 -10.27 4.02
N TYR C 439 25.42 -9.46 3.89
CA TYR C 439 24.34 -9.84 2.99
C TYR C 439 24.17 -8.84 1.85
N PRO C 440 23.89 -9.32 0.64
CA PRO C 440 23.81 -8.40 -0.51
C PRO C 440 22.76 -7.30 -0.39
N TRP C 441 21.62 -7.58 0.25
CA TRP C 441 20.59 -6.56 0.39
C TRP C 441 21.07 -5.39 1.26
N PHE C 442 21.64 -5.70 2.43
CA PHE C 442 22.10 -4.62 3.30
C PHE C 442 23.32 -3.92 2.70
N ARG C 443 24.20 -4.67 2.05
CA ARG C 443 25.35 -4.05 1.39
C ARG C 443 24.90 -3.12 0.27
N LYS C 444 23.88 -3.53 -0.50
CA LYS C 444 23.34 -2.67 -1.55
C LYS C 444 22.70 -1.42 -0.97
N ALA C 445 21.97 -1.57 0.15
CA ALA C 445 21.40 -0.39 0.80
C ALA C 445 22.48 0.56 1.28
N LEU C 446 23.57 0.02 1.84
CA LEU C 446 24.68 0.86 2.27
C LEU C 446 25.34 1.56 1.09
N LYS C 447 25.50 0.85 -0.03
CA LYS C 447 26.05 1.47 -1.23
C LYS C 447 25.16 2.61 -1.72
N MET C 448 23.85 2.40 -1.68
CA MET C 448 22.93 3.47 -2.05
C MET C 448 23.06 4.67 -1.11
N MET C 449 23.23 4.40 0.19
CA MET C 449 23.47 5.48 1.15
C MET C 449 24.79 6.18 0.85
N LEU C 450 25.83 5.42 0.55
CA LEU C 450 27.14 6.00 0.26
C LEU C 450 27.25 6.43 -1.20
N VAL D 2 -32.23 4.41 6.05
CA VAL D 2 -31.69 4.84 7.33
C VAL D 2 -32.81 5.18 8.31
N GLN D 3 -32.97 4.35 9.33
CA GLN D 3 -33.98 4.59 10.36
C GLN D 3 -33.38 4.37 11.73
N LEU D 4 -33.79 5.20 12.69
CA LEU D 4 -33.38 5.05 14.08
C LEU D 4 -34.64 4.89 14.92
N VAL D 5 -34.69 3.83 15.73
CA VAL D 5 -35.83 3.54 16.59
C VAL D 5 -35.36 3.63 18.03
N GLU D 6 -35.98 4.52 18.80
CA GLU D 6 -35.59 4.73 20.18
C GLU D 6 -36.62 4.09 21.11
N SER D 7 -36.12 3.52 22.22
CA SER D 7 -36.96 2.82 23.17
C SER D 7 -36.49 3.13 24.59
N GLY D 8 -37.43 3.08 25.52
CA GLY D 8 -37.17 3.40 26.90
C GLY D 8 -37.81 4.72 27.30
N GLY D 9 -37.61 5.07 28.57
CA GLY D 9 -38.17 6.30 29.12
C GLY D 9 -39.56 6.10 29.68
N GLY D 10 -40.00 7.11 30.41
CA GLY D 10 -41.30 7.11 31.06
C GLY D 10 -41.19 7.68 32.45
N LEU D 11 -42.21 7.42 33.26
CA LEU D 11 -42.21 7.90 34.63
C LEU D 11 -41.19 7.15 35.46
N VAL D 12 -40.24 7.87 36.05
CA VAL D 12 -39.18 7.29 36.86
C VAL D 12 -39.13 8.01 38.20
N GLN D 13 -39.06 7.23 39.27
CA GLN D 13 -38.94 7.82 40.60
C GLN D 13 -37.57 8.51 40.74
N PRO D 14 -37.47 9.51 41.62
CA PRO D 14 -36.19 10.19 41.81
C PRO D 14 -35.10 9.22 42.24
N GLY D 15 -33.91 9.42 41.70
CA GLY D 15 -32.78 8.54 41.99
C GLY D 15 -32.77 7.24 41.22
N GLY D 16 -33.64 7.10 40.22
CA GLY D 16 -33.72 5.85 39.49
C GLY D 16 -32.66 5.72 38.41
N SER D 17 -32.60 4.52 37.83
CA SER D 17 -31.66 4.20 36.75
C SER D 17 -32.45 3.66 35.57
N ARG D 18 -32.12 4.16 34.37
CA ARG D 18 -32.82 3.78 33.15
C ARG D 18 -31.82 3.45 32.05
N LYS D 19 -32.19 2.46 31.23
CA LYS D 19 -31.37 2.02 30.10
C LYS D 19 -32.09 2.41 28.81
N LEU D 20 -31.80 3.62 28.34
CA LEU D 20 -32.34 4.09 27.07
C LEU D 20 -31.64 3.37 25.92
N SER D 21 -32.41 3.03 24.88
CA SER D 21 -31.88 2.29 23.75
C SER D 21 -32.18 3.01 22.46
N CYS D 22 -31.23 2.97 21.52
CA CYS D 22 -31.41 3.55 20.19
C CYS D 22 -30.87 2.55 19.18
N SER D 23 -31.78 1.86 18.49
CA SER D 23 -31.40 0.85 17.51
C SER D 23 -31.39 1.45 16.10
N ALA D 24 -30.45 0.97 15.29
CA ALA D 24 -30.31 1.40 13.91
C ALA D 24 -30.82 0.32 12.97
N SER D 25 -31.78 0.68 12.12
CA SER D 25 -32.36 -0.24 11.16
C SER D 25 -32.21 0.31 9.76
N GLY D 26 -31.86 -0.57 8.82
CA GLY D 26 -31.67 -0.19 7.44
C GLY D 26 -30.30 0.37 7.11
N PHE D 27 -29.39 0.46 8.08
CA PHE D 27 -28.05 0.97 7.83
C PHE D 27 -27.13 0.48 8.94
N ALA D 28 -25.83 0.71 8.76
CA ALA D 28 -24.81 0.25 9.70
C ALA D 28 -24.10 1.46 10.28
N PHE D 29 -24.02 1.54 11.60
CA PHE D 29 -23.43 2.67 12.30
C PHE D 29 -21.98 2.42 12.74
N SER D 30 -21.36 1.33 12.28
CA SER D 30 -20.02 0.97 12.74
C SER D 30 -18.99 2.06 12.46
N SER D 31 -19.19 2.87 11.43
CA SER D 31 -18.31 3.99 11.13
C SER D 31 -18.93 5.34 11.49
N PHE D 32 -19.94 5.35 12.37
CA PHE D 32 -20.71 6.54 12.68
C PHE D 32 -20.52 6.92 14.13
N GLY D 33 -20.24 8.19 14.38
CA GLY D 33 -20.19 8.68 15.75
C GLY D 33 -21.58 9.02 16.26
N MET D 34 -21.87 8.59 17.48
CA MET D 34 -23.17 8.79 18.10
C MET D 34 -23.10 9.93 19.09
N HIS D 35 -24.05 10.86 18.99
CA HIS D 35 -24.14 12.00 19.89
C HIS D 35 -25.50 11.96 20.59
N TRP D 36 -25.48 12.06 21.91
CA TRP D 36 -26.70 11.96 22.71
C TRP D 36 -27.22 13.36 23.04
N VAL D 37 -27.81 13.98 22.03
CA VAL D 37 -28.40 15.32 22.17
C VAL D 37 -29.85 15.16 22.59
N ARG D 38 -30.23 15.79 23.70
CA ARG D 38 -31.60 15.74 24.19
C ARG D 38 -32.29 17.08 23.94
N GLN D 39 -33.61 17.02 23.79
CA GLN D 39 -34.44 18.21 23.57
C GLN D 39 -35.18 18.55 24.85
N ALA D 40 -35.05 19.79 25.30
CA ALA D 40 -35.81 20.24 26.46
C ALA D 40 -37.27 20.43 26.07
N PRO D 41 -38.20 20.04 26.94
CA PRO D 41 -39.63 20.19 26.60
C PRO D 41 -40.04 21.62 26.32
N GLU D 42 -39.44 22.60 27.02
CA GLU D 42 -39.77 24.00 26.80
C GLU D 42 -38.56 24.87 26.49
N LYS D 43 -37.36 24.29 26.41
CA LYS D 43 -36.16 25.06 26.13
C LYS D 43 -35.40 24.46 24.95
N GLY D 44 -34.19 24.93 24.70
CA GLY D 44 -33.41 24.44 23.58
C GLY D 44 -32.83 23.06 23.82
N LEU D 45 -32.22 22.53 22.77
CA LEU D 45 -31.59 21.21 22.85
C LEU D 45 -30.38 21.24 23.77
N GLU D 46 -29.97 20.06 24.22
CA GLU D 46 -28.81 19.93 25.08
C GLU D 46 -28.09 18.63 24.78
N TRP D 47 -26.77 18.66 24.87
CA TRP D 47 -25.93 17.50 24.65
C TRP D 47 -25.37 17.01 25.98
N VAL D 48 -25.28 15.67 26.13
CA VAL D 48 -24.77 15.06 27.35
C VAL D 48 -23.58 14.14 27.08
N ALA D 49 -23.66 13.30 26.06
CA ALA D 49 -22.64 12.28 25.86
C ALA D 49 -22.35 12.09 24.38
N TYR D 50 -21.19 11.51 24.09
CA TYR D 50 -20.72 11.31 22.73
C TYR D 50 -19.73 10.16 22.69
N ILE D 51 -19.89 9.27 21.72
CA ILE D 51 -19.01 8.13 21.53
C ILE D 51 -18.52 8.11 20.08
N SER D 52 -17.25 7.74 19.89
CA SER D 52 -16.66 7.67 18.58
C SER D 52 -17.14 6.42 17.84
N SER D 53 -16.75 6.32 16.56
CA SER D 53 -17.14 5.16 15.76
C SER D 53 -16.52 3.87 16.31
N GLY D 54 -15.25 3.93 16.68
CA GLY D 54 -14.57 2.77 17.23
C GLY D 54 -14.42 2.84 18.73
N SER D 55 -15.18 3.73 19.37
CA SER D 55 -15.15 3.96 20.82
C SER D 55 -13.78 4.41 21.30
N GLY D 56 -12.94 4.92 20.40
CA GLY D 56 -11.63 5.40 20.81
C GLY D 56 -11.71 6.64 21.68
N THR D 57 -12.58 7.58 21.32
CA THR D 57 -12.77 8.81 22.07
C THR D 57 -14.20 8.88 22.57
N ILE D 58 -14.36 9.09 23.88
CA ILE D 58 -15.67 9.18 24.52
C ILE D 58 -15.69 10.45 25.36
N TYR D 59 -16.74 11.25 25.17
CA TYR D 59 -16.87 12.52 25.89
C TYR D 59 -18.23 12.60 26.58
N TYR D 60 -18.25 13.34 27.68
CA TYR D 60 -19.46 13.58 28.45
C TYR D 60 -19.57 15.07 28.76
N ALA D 61 -20.79 15.49 29.05
CA ALA D 61 -21.03 16.89 29.38
C ALA D 61 -20.45 17.22 30.74
N ASP D 62 -20.29 18.52 30.99
CA ASP D 62 -19.78 18.96 32.29
C ASP D 62 -20.76 18.65 33.42
N THR D 63 -22.07 18.81 33.17
CA THR D 63 -23.06 18.53 34.20
C THR D 63 -23.18 17.04 34.46
N VAL D 64 -22.89 16.20 33.45
CA VAL D 64 -22.97 14.75 33.57
C VAL D 64 -21.69 14.19 32.96
N LYS D 65 -20.68 13.93 33.80
CA LYS D 65 -19.41 13.38 33.33
C LYS D 65 -19.30 11.88 33.61
N GLY D 66 -19.40 11.48 34.86
CA GLY D 66 -19.35 10.09 35.25
C GLY D 66 -20.69 9.47 35.60
N ARG D 67 -21.76 10.27 35.59
CA ARG D 67 -23.08 9.76 35.97
C ARG D 67 -23.66 8.85 34.89
N PHE D 68 -23.49 9.22 33.62
CA PHE D 68 -24.05 8.45 32.51
C PHE D 68 -23.00 7.48 31.96
N THR D 69 -23.50 6.45 31.29
CA THR D 69 -22.65 5.45 30.65
C THR D 69 -23.20 5.17 29.26
N ILE D 70 -22.32 5.15 28.27
CA ILE D 70 -22.70 4.99 26.87
C ILE D 70 -21.96 3.80 26.27
N SER D 71 -22.70 2.94 25.58
CA SER D 71 -22.13 1.77 24.93
C SER D 71 -22.74 1.60 23.54
N ARG D 72 -21.96 1.04 22.64
CA ARG D 72 -22.41 0.76 21.28
C ARG D 72 -22.15 -0.71 20.95
N ASP D 73 -23.13 -1.33 20.30
CA ASP D 73 -23.05 -2.74 19.88
C ASP D 73 -23.19 -2.77 18.36
N ASP D 74 -22.06 -2.86 17.67
CA ASP D 74 -22.08 -2.98 16.21
C ASP D 74 -22.76 -4.26 15.72
N PRO D 75 -22.45 -5.45 16.27
CA PRO D 75 -23.17 -6.65 15.79
C PRO D 75 -24.68 -6.56 15.96
N LYS D 76 -25.16 -5.94 17.03
CA LYS D 76 -26.58 -5.72 17.22
C LYS D 76 -27.04 -4.35 16.72
N ASN D 77 -26.11 -3.46 16.37
CA ASN D 77 -26.41 -2.12 15.89
C ASN D 77 -27.33 -1.37 16.86
N THR D 78 -26.87 -1.29 18.11
CA THR D 78 -27.65 -0.66 19.16
C THR D 78 -26.80 0.31 19.96
N LEU D 79 -27.44 1.32 20.54
CA LEU D 79 -26.81 2.26 21.45
C LEU D 79 -27.51 2.17 22.79
N PHE D 80 -26.74 1.96 23.86
CA PHE D 80 -27.26 1.84 25.22
C PHE D 80 -26.77 3.01 26.05
N LEU D 81 -27.70 3.69 26.71
CA LEU D 81 -27.42 4.80 27.60
C LEU D 81 -27.93 4.44 28.99
N GLN D 82 -27.02 4.18 29.92
CA GLN D 82 -27.34 3.87 31.30
C GLN D 82 -27.27 5.16 32.11
N MET D 83 -28.37 5.49 32.79
CA MET D 83 -28.46 6.70 33.59
C MET D 83 -28.81 6.32 35.03
N THR D 84 -28.09 6.91 35.98
CA THR D 84 -28.23 6.58 37.39
C THR D 84 -28.53 7.84 38.19
N SER D 85 -29.25 7.65 39.29
CA SER D 85 -29.62 8.73 40.22
C SER D 85 -30.35 9.85 39.49
N LEU D 86 -31.51 9.49 38.93
CA LEU D 86 -32.29 10.44 38.14
C LEU D 86 -32.92 11.49 39.05
N ARG D 87 -32.49 12.74 38.89
CA ARG D 87 -33.03 13.85 39.64
C ARG D 87 -34.22 14.47 38.90
N SER D 88 -34.95 15.33 39.60
CA SER D 88 -36.14 15.96 39.01
C SER D 88 -35.79 16.83 37.81
N GLU D 89 -34.56 17.36 37.77
CA GLU D 89 -34.14 18.18 36.64
C GLU D 89 -33.83 17.33 35.40
N ASP D 90 -33.56 16.04 35.58
CA ASP D 90 -33.14 15.18 34.48
C ASP D 90 -34.33 14.70 33.66
N THR D 91 -35.04 15.65 33.06
CA THR D 91 -36.14 15.37 32.16
C THR D 91 -35.90 16.10 30.84
N ALA D 92 -36.03 15.37 29.73
CA ALA D 92 -35.79 15.94 28.41
C ALA D 92 -36.33 14.98 27.36
N MET D 93 -36.40 15.47 26.13
CA MET D 93 -36.83 14.67 24.97
C MET D 93 -35.55 14.18 24.30
N TYR D 94 -35.10 12.99 24.70
CA TYR D 94 -33.79 12.49 24.28
C TYR D 94 -33.81 12.05 22.82
N TYR D 95 -32.72 12.34 22.12
CA TYR D 95 -32.52 11.93 20.73
C TYR D 95 -31.13 11.34 20.56
N CYS D 96 -31.01 10.34 19.69
CA CYS D 96 -29.71 9.79 19.30
C CYS D 96 -29.38 10.30 17.91
N VAL D 97 -28.17 10.86 17.76
CA VAL D 97 -27.78 11.62 16.58
C VAL D 97 -26.61 10.92 15.91
N ARG D 98 -26.71 10.78 14.59
CA ARG D 98 -25.63 10.29 13.75
C ARG D 98 -24.71 11.43 13.34
N SER D 99 -23.41 11.15 13.30
CA SER D 99 -22.46 12.13 12.78
C SER D 99 -21.18 11.40 12.41
N ILE D 100 -20.84 11.40 11.12
CA ILE D 100 -19.60 10.84 10.62
C ILE D 100 -18.66 11.98 10.27
N TYR D 101 -17.37 11.80 10.58
CA TYR D 101 -16.43 12.91 10.45
C TYR D 101 -15.27 12.62 9.49
N TYR D 102 -15.57 12.09 8.31
CA TYR D 102 -14.56 12.15 7.26
C TYR D 102 -14.61 13.53 6.60
N TYR D 103 -13.55 13.86 5.87
CA TYR D 103 -13.49 15.18 5.26
C TYR D 103 -14.65 15.39 4.30
N GLY D 104 -15.32 16.52 4.43
CA GLY D 104 -16.47 16.83 3.59
C GLY D 104 -17.75 16.16 4.00
N SER D 105 -17.79 15.48 5.14
CA SER D 105 -18.98 14.77 5.56
C SER D 105 -20.04 15.75 6.08
N SER D 106 -21.17 15.20 6.52
CA SER D 106 -22.30 15.97 7.00
C SER D 106 -22.59 15.58 8.45
N PRO D 107 -21.93 16.22 9.41
CA PRO D 107 -22.18 15.89 10.82
C PRO D 107 -23.62 16.22 11.23
N PHE D 108 -24.15 15.42 12.15
CA PHE D 108 -25.48 15.62 12.71
C PHE D 108 -26.56 15.62 11.62
N ASP D 109 -26.40 14.74 10.63
CA ASP D 109 -27.30 14.73 9.49
C ASP D 109 -28.66 14.12 9.84
N PHE D 110 -28.68 13.02 10.57
CA PHE D 110 -29.90 12.29 10.83
C PHE D 110 -30.14 12.15 12.32
N TRP D 111 -31.40 12.30 12.74
CA TRP D 111 -31.79 12.21 14.13
C TRP D 111 -32.88 11.15 14.29
N GLY D 112 -32.89 10.52 15.47
CA GLY D 112 -33.84 9.47 15.76
C GLY D 112 -35.23 10.00 16.08
N GLN D 113 -36.15 9.05 16.28
CA GLN D 113 -37.54 9.41 16.59
C GLN D 113 -37.64 10.15 17.92
N GLY D 114 -36.92 9.68 18.93
CA GLY D 114 -36.90 10.33 20.22
C GLY D 114 -37.79 9.64 21.24
N THR D 115 -37.46 9.86 22.51
CA THR D 115 -38.23 9.35 23.62
C THR D 115 -38.41 10.45 24.67
N THR D 116 -39.49 10.36 25.42
CA THR D 116 -39.75 11.27 26.53
C THR D 116 -39.41 10.58 27.85
N LEU D 117 -39.01 11.39 28.83
CA LEU D 117 -38.60 10.88 30.14
C LEU D 117 -39.13 11.82 31.21
N THR D 118 -40.15 11.38 31.93
CA THR D 118 -40.71 12.16 33.03
C THR D 118 -40.14 11.66 34.35
N VAL D 119 -39.62 12.58 35.15
CA VAL D 119 -38.99 12.27 36.43
C VAL D 119 -39.66 13.07 37.53
N SER D 120 -39.94 12.41 38.64
CA SER D 120 -40.60 13.04 39.78
C SER D 120 -39.58 13.80 40.63
N SER D 121 -40.09 14.54 41.61
CA SER D 121 -39.23 15.32 42.50
C SER D 121 -39.24 14.71 43.90
N SER D 135 -17.10 29.40 32.24
CA SER D 135 -15.75 28.85 32.23
C SER D 135 -15.29 28.59 30.80
N SER D 136 -14.69 27.42 30.57
CA SER D 136 -14.23 27.05 29.23
C SER D 136 -15.39 26.84 28.27
N ASP D 137 -16.59 26.59 28.78
CA ASP D 137 -17.75 26.38 27.92
C ASP D 137 -18.03 27.64 27.10
N ILE D 138 -18.21 27.45 25.79
CA ILE D 138 -18.52 28.55 24.90
C ILE D 138 -20.00 28.91 25.03
N VAL D 139 -20.30 30.20 24.94
CA VAL D 139 -21.67 30.70 25.04
C VAL D 139 -22.22 30.86 23.63
N MET D 140 -23.30 30.14 23.33
CA MET D 140 -23.90 30.13 22.01
C MET D 140 -25.27 30.79 22.12
N THR D 141 -25.43 31.97 21.48
CA THR D 141 -26.61 32.80 21.66
C THR D 141 -27.15 33.23 20.31
N GLN D 142 -28.47 33.27 20.19
CA GLN D 142 -29.15 33.79 19.02
C GLN D 142 -29.78 35.15 19.34
N ALA D 143 -30.07 35.90 18.28
CA ALA D 143 -30.59 37.26 18.45
C ALA D 143 -31.94 37.26 19.15
N THR D 144 -32.94 36.64 18.52
CA THR D 144 -34.31 36.63 19.04
C THR D 144 -34.76 35.20 19.29
N SER D 145 -36.04 35.05 19.62
CA SER D 145 -36.63 33.74 19.88
C SER D 145 -37.88 33.47 19.06
N SER D 146 -38.64 34.49 18.68
CA SER D 146 -39.84 34.30 17.89
C SER D 146 -40.16 35.58 17.15
N VAL D 147 -40.69 35.44 15.93
CA VAL D 147 -41.02 36.59 15.09
C VAL D 147 -42.03 36.16 14.04
N PRO D 148 -43.11 36.91 13.83
CA PRO D 148 -44.05 36.58 12.75
C PRO D 148 -43.42 36.85 11.39
N VAL D 149 -43.60 35.90 10.48
CA VAL D 149 -42.99 35.94 9.16
C VAL D 149 -44.06 35.72 8.10
N THR D 150 -43.97 36.50 6.99
CA THR D 150 -44.83 36.36 5.83
C THR D 150 -44.13 35.54 4.75
N PRO D 151 -44.88 34.76 3.97
CA PRO D 151 -44.25 33.89 2.97
C PRO D 151 -43.58 34.69 1.86
N GLY D 152 -42.55 34.08 1.27
CA GLY D 152 -41.88 34.66 0.13
C GLY D 152 -40.68 35.53 0.46
N GLU D 153 -40.89 36.54 1.29
CA GLU D 153 -39.81 37.47 1.61
C GLU D 153 -38.70 36.77 2.40
N SER D 154 -37.46 37.19 2.12
CA SER D 154 -36.30 36.51 2.66
C SER D 154 -36.21 36.68 4.18
N VAL D 155 -35.82 35.61 4.86
CA VAL D 155 -35.77 35.57 6.32
C VAL D 155 -34.32 35.48 6.74
N SER D 156 -33.93 36.33 7.69
CA SER D 156 -32.57 36.37 8.23
C SER D 156 -32.62 36.01 9.70
N ILE D 157 -31.77 35.06 10.11
CA ILE D 157 -31.66 34.63 11.50
C ILE D 157 -30.23 34.86 11.96
N SER D 158 -30.06 35.53 13.09
CA SER D 158 -28.74 35.89 13.60
C SER D 158 -28.32 34.96 14.71
N CYS D 159 -27.05 34.58 14.71
CA CYS D 159 -26.47 33.70 15.71
C CYS D 159 -25.14 34.28 16.17
N ARG D 160 -24.84 34.09 17.46
CA ARG D 160 -23.65 34.67 18.07
C ARG D 160 -22.94 33.60 18.91
N SER D 161 -21.63 33.72 18.96
CA SER D 161 -20.79 32.85 19.76
C SER D 161 -19.83 33.70 20.59
N SER D 162 -19.48 33.18 21.77
CA SER D 162 -18.56 33.87 22.67
C SER D 162 -17.09 33.69 22.29
N LYS D 163 -16.82 33.19 21.10
CA LYS D 163 -15.45 32.99 20.63
C LYS D 163 -15.48 32.94 19.11
N SER D 164 -14.29 33.00 18.51
CA SER D 164 -14.16 32.93 17.05
C SER D 164 -14.16 31.47 16.63
N LEU D 165 -15.18 31.07 15.87
CA LEU D 165 -15.33 29.69 15.44
C LEU D 165 -14.45 29.35 14.24
N LEU D 166 -13.80 30.33 13.63
CA LEU D 166 -12.93 30.09 12.48
C LEU D 166 -11.64 29.46 12.98
N HIS D 167 -11.53 28.14 12.83
CA HIS D 167 -10.34 27.43 13.25
C HIS D 167 -9.18 27.75 12.30
N SER D 168 -7.95 27.50 12.78
CA SER D 168 -6.76 27.79 11.99
C SER D 168 -6.77 27.07 10.65
N ASN D 169 -7.39 25.90 10.58
CA ASN D 169 -7.52 25.19 9.31
C ASN D 169 -8.51 25.85 8.37
N GLY D 170 -9.28 26.83 8.85
CA GLY D 170 -10.28 27.51 8.04
C GLY D 170 -11.67 26.95 8.17
N ASN D 171 -11.91 26.03 9.09
CA ASN D 171 -13.22 25.40 9.26
C ASN D 171 -13.97 26.08 10.40
N THR D 172 -15.04 26.79 10.06
CA THR D 172 -15.91 27.43 11.04
C THR D 172 -17.03 26.47 11.37
N TYR D 173 -16.90 25.77 12.50
CA TYR D 173 -17.85 24.73 12.87
C TYR D 173 -19.16 25.30 13.38
N LEU D 174 -20.13 25.46 12.49
CA LEU D 174 -21.47 25.91 12.86
C LEU D 174 -22.52 25.04 12.16
N TYR D 175 -23.61 24.77 12.89
CA TYR D 175 -24.67 23.91 12.40
C TYR D 175 -26.04 24.53 12.68
N TRP D 176 -26.94 24.42 11.69
CA TRP D 176 -28.35 24.77 11.84
C TRP D 176 -29.19 23.53 11.57
N PHE D 177 -30.30 23.41 12.29
CA PHE D 177 -31.11 22.20 12.24
C PHE D 177 -32.57 22.45 11.87
N LEU D 178 -33.18 23.50 12.40
CA LEU D 178 -34.54 23.92 12.03
C LEU D 178 -35.54 22.77 12.21
N GLN D 179 -35.68 22.35 13.46
CA GLN D 179 -36.53 21.21 13.78
C GLN D 179 -37.95 21.68 14.06
N ARG D 180 -38.92 21.00 13.45
CA ARG D 180 -40.32 21.28 13.72
C ARG D 180 -40.68 20.77 15.11
N PRO D 181 -41.67 21.38 15.76
CA PRO D 181 -42.06 20.94 17.10
C PRO D 181 -42.51 19.48 17.11
N GLY D 182 -41.98 18.71 18.06
CA GLY D 182 -42.39 17.34 18.26
C GLY D 182 -42.08 16.38 17.12
N GLN D 183 -40.89 16.48 16.53
CA GLN D 183 -40.49 15.54 15.49
C GLN D 183 -38.96 15.57 15.39
N SER D 184 -38.43 14.62 14.62
CA SER D 184 -36.99 14.41 14.57
C SER D 184 -36.30 15.60 13.91
N PRO D 185 -35.29 16.20 14.56
CA PRO D 185 -34.59 17.33 13.95
C PRO D 185 -33.88 16.94 12.66
N GLN D 186 -33.85 17.88 11.72
CA GLN D 186 -33.18 17.73 10.45
C GLN D 186 -31.86 18.51 10.48
N LEU D 187 -31.19 18.57 9.33
CA LEU D 187 -29.95 19.32 9.17
C LEU D 187 -30.08 20.22 7.95
N LEU D 188 -29.81 21.52 8.14
CA LEU D 188 -29.90 22.49 7.04
C LEU D 188 -28.53 22.84 6.47
N ILE D 189 -27.63 23.39 7.29
CA ILE D 189 -26.30 23.78 6.85
C ILE D 189 -25.29 23.41 7.93
N TYR D 190 -24.10 22.99 7.49
CA TYR D 190 -23.01 22.65 8.37
C TYR D 190 -21.74 23.37 7.92
N ARG D 191 -20.88 23.67 8.89
CA ARG D 191 -19.72 24.54 8.68
C ARG D 191 -20.12 25.83 7.96
N MET D 192 -19.48 26.13 6.83
CA MET D 192 -19.74 27.37 6.11
C MET D 192 -20.28 27.06 4.72
N SER D 193 -21.39 27.72 4.36
CA SER D 193 -21.94 27.70 3.00
C SER D 193 -22.03 26.29 2.43
N ASN D 194 -22.31 25.33 3.30
CA ASN D 194 -22.47 23.92 2.90
C ASN D 194 -23.91 23.52 3.17
N LEU D 195 -24.63 23.17 2.12
CA LEU D 195 -26.06 22.87 2.20
C LEU D 195 -26.26 21.39 1.87
N ALA D 196 -26.94 20.68 2.77
CA ALA D 196 -27.26 19.27 2.53
C ALA D 196 -28.21 19.15 1.35
N SER D 197 -27.96 18.16 0.48
CA SER D 197 -28.74 18.01 -0.74
C SER D 197 -30.21 17.73 -0.46
N GLY D 198 -30.55 17.23 0.73
CA GLY D 198 -31.94 16.96 1.04
C GLY D 198 -32.78 18.22 1.14
N VAL D 199 -32.26 19.25 1.80
CA VAL D 199 -32.98 20.50 1.98
C VAL D 199 -32.85 21.35 0.72
N PRO D 200 -33.77 22.25 0.44
CA PRO D 200 -33.68 23.07 -0.77
C PRO D 200 -32.48 24.01 -0.74
N ASP D 201 -32.02 24.37 -1.94
CA ASP D 201 -30.87 25.24 -2.10
C ASP D 201 -31.13 26.67 -1.64
N ARG D 202 -32.39 27.02 -1.35
CA ARG D 202 -32.73 28.38 -0.96
C ARG D 202 -32.00 28.83 0.31
N PHE D 203 -31.57 27.90 1.15
CA PHE D 203 -30.90 28.26 2.40
C PHE D 203 -29.46 28.68 2.12
N SER D 204 -28.93 29.55 2.97
CA SER D 204 -27.54 29.97 2.87
C SER D 204 -27.04 30.42 4.24
N GLY D 205 -25.74 30.36 4.41
CA GLY D 205 -25.10 30.79 5.65
C GLY D 205 -23.97 31.74 5.39
N SER D 206 -23.92 32.81 6.19
CA SER D 206 -22.88 33.83 6.08
C SER D 206 -22.37 34.14 7.48
N GLY D 207 -21.06 34.07 7.66
CA GLY D 207 -20.46 34.33 8.96
C GLY D 207 -19.19 35.15 8.90
N SER D 208 -19.11 36.21 9.72
CA SER D 208 -17.90 37.01 9.78
C SER D 208 -16.79 36.32 10.55
N GLY D 209 -17.14 35.44 11.48
CA GLY D 209 -16.17 34.75 12.30
C GLY D 209 -16.63 34.63 13.74
N THR D 210 -17.45 35.57 14.17
CA THR D 210 -18.09 35.56 15.48
C THR D 210 -19.59 35.74 15.41
N ALA D 211 -20.08 36.50 14.43
CA ALA D 211 -21.50 36.66 14.19
C ALA D 211 -21.86 35.97 12.88
N PHE D 212 -23.01 35.29 12.86
CA PHE D 212 -23.38 34.44 11.74
C PHE D 212 -24.83 34.68 11.38
N THR D 213 -25.14 34.53 10.08
CA THR D 213 -26.48 34.78 9.57
C THR D 213 -26.93 33.62 8.71
N LEU D 214 -28.14 33.12 8.97
CA LEU D 214 -28.81 32.13 8.15
C LEU D 214 -29.87 32.85 7.32
N THR D 215 -29.75 32.76 6.00
CA THR D 215 -30.62 33.47 5.07
C THR D 215 -31.48 32.47 4.30
N ILE D 216 -32.75 32.80 4.16
CA ILE D 216 -33.73 31.96 3.47
C ILE D 216 -34.39 32.83 2.40
N SER D 217 -34.19 32.47 1.13
CA SER D 217 -34.67 33.30 0.03
C SER D 217 -36.19 33.32 -0.04
N ARG D 218 -36.81 32.14 -0.03
CA ARG D 218 -38.26 32.00 -0.14
C ARG D 218 -38.76 31.10 0.98
N LEU D 219 -40.05 31.24 1.29
CA LEU D 219 -40.63 30.56 2.43
C LEU D 219 -41.85 29.74 2.02
N GLU D 220 -42.01 28.59 2.68
CA GLU D 220 -43.16 27.73 2.51
C GLU D 220 -43.58 27.22 3.89
N ALA D 221 -44.46 26.21 3.89
CA ALA D 221 -44.96 25.68 5.16
C ALA D 221 -43.90 24.93 5.96
N GLU D 222 -42.84 24.47 5.31
CA GLU D 222 -41.81 23.71 6.02
C GLU D 222 -40.99 24.58 6.96
N ASP D 223 -40.89 25.88 6.67
CA ASP D 223 -40.09 26.78 7.49
C ASP D 223 -40.71 27.04 8.86
N VAL D 224 -41.97 26.67 9.07
CA VAL D 224 -42.60 26.86 10.37
C VAL D 224 -41.93 25.95 11.40
N GLY D 225 -41.52 26.53 12.52
CA GLY D 225 -40.83 25.80 13.57
C GLY D 225 -39.69 26.60 14.14
N VAL D 226 -38.93 25.94 15.02
CA VAL D 226 -37.85 26.57 15.76
C VAL D 226 -36.52 26.09 15.19
N TYR D 227 -35.58 27.02 15.03
CA TYR D 227 -34.25 26.73 14.53
C TYR D 227 -33.29 26.53 15.70
N TYR D 228 -32.10 26.02 15.39
CA TYR D 228 -31.09 25.77 16.41
C TYR D 228 -29.71 26.02 15.84
N CYS D 229 -28.81 26.51 16.70
CA CYS D 229 -27.48 26.94 16.29
C CYS D 229 -26.46 26.24 17.18
N MET D 230 -25.55 25.48 16.57
CA MET D 230 -24.52 24.76 17.33
C MET D 230 -23.12 25.10 16.82
N GLN D 231 -22.17 25.03 17.74
CA GLN D 231 -20.74 25.15 17.45
C GLN D 231 -20.04 23.84 17.76
N HIS D 232 -18.84 23.68 17.20
CA HIS D 232 -18.06 22.47 17.42
C HIS D 232 -16.57 22.71 17.56
N LEU D 233 -16.13 23.95 17.80
CA LEU D 233 -14.69 24.22 17.94
C LEU D 233 -14.11 23.45 19.12
N GLU D 234 -14.55 23.79 20.34
CA GLU D 234 -14.27 22.96 21.51
C GLU D 234 -15.37 21.91 21.59
N TYR D 235 -15.48 21.19 22.70
CA TYR D 235 -16.57 20.25 22.73
C TYR D 235 -17.43 20.32 23.99
N PRO D 236 -18.10 21.45 24.26
CA PRO D 236 -19.25 21.42 25.15
C PRO D 236 -20.59 21.33 24.43
N LEU D 237 -20.59 21.51 23.11
CA LEU D 237 -21.79 21.53 22.28
C LEU D 237 -22.87 22.43 22.87
N THR D 238 -22.57 23.72 22.97
CA THR D 238 -23.56 24.68 23.45
C THR D 238 -24.59 24.97 22.36
N PHE D 239 -25.83 25.19 22.78
CA PHE D 239 -26.94 25.42 21.88
C PHE D 239 -27.44 26.85 21.99
N GLY D 240 -28.04 27.33 20.89
CA GLY D 240 -28.62 28.65 20.88
C GLY D 240 -30.00 28.69 21.50
N ALA D 241 -30.51 29.92 21.64
CA ALA D 241 -31.84 30.10 22.21
C ALA D 241 -32.92 29.49 21.33
N GLY D 242 -32.84 29.72 20.02
CA GLY D 242 -33.81 29.17 19.09
C GLY D 242 -34.82 30.19 18.60
N THR D 243 -34.81 30.46 17.29
CA THR D 243 -35.73 31.39 16.68
C THR D 243 -36.91 30.61 16.11
N LYS D 244 -38.12 31.04 16.44
CA LYS D 244 -39.34 30.36 16.01
C LYS D 244 -40.03 31.17 14.92
N LEU D 245 -40.31 30.50 13.79
CA LEU D 245 -41.02 31.09 12.67
C LEU D 245 -42.41 30.49 12.62
N GLU D 246 -43.43 31.36 12.63
CA GLU D 246 -44.82 30.93 12.63
C GLU D 246 -45.55 31.58 11.46
N LEU D 247 -46.50 30.84 10.89
CA LEU D 247 -47.29 31.34 9.77
C LEU D 247 -48.78 31.38 10.12
N THR E 6 -16.35 -11.35 -46.64
CA THR E 6 -15.61 -11.70 -45.44
C THR E 6 -15.50 -10.50 -44.50
N ALA E 7 -14.99 -10.75 -43.29
CA ALA E 7 -14.81 -9.68 -42.32
C ALA E 7 -13.59 -8.80 -42.63
N SER E 8 -12.59 -9.35 -43.30
CA SER E 8 -11.37 -8.58 -43.58
C SER E 8 -11.67 -7.41 -44.51
N ILE E 9 -12.47 -7.64 -45.56
CA ILE E 9 -12.81 -6.55 -46.48
C ILE E 9 -13.65 -5.50 -45.76
N ALA E 10 -14.56 -5.92 -44.88
CA ALA E 10 -15.38 -4.97 -44.14
C ALA E 10 -14.54 -4.11 -43.23
N GLN E 11 -13.61 -4.72 -42.48
CA GLN E 11 -12.78 -3.93 -41.57
C GLN E 11 -11.81 -3.03 -42.34
N ALA E 12 -11.30 -3.49 -43.49
CA ALA E 12 -10.45 -2.63 -44.30
C ALA E 12 -11.23 -1.42 -44.81
N ARG E 13 -12.47 -1.65 -45.28
CA ARG E 13 -13.29 -0.53 -45.73
C ARG E 13 -13.60 0.44 -44.60
N LYS E 14 -13.88 -0.10 -43.40
CA LYS E 14 -14.17 0.76 -42.26
C LYS E 14 -12.95 1.60 -41.89
N LEU E 15 -11.76 0.99 -41.88
CA LEU E 15 -10.55 1.75 -41.58
C LEU E 15 -10.28 2.81 -42.63
N VAL E 16 -10.50 2.46 -43.91
CA VAL E 16 -10.31 3.43 -44.98
C VAL E 16 -11.25 4.61 -44.81
N GLU E 17 -12.53 4.35 -44.54
CA GLU E 17 -13.49 5.43 -44.35
C GLU E 17 -13.12 6.29 -43.16
N GLN E 18 -12.74 5.66 -42.04
CA GLN E 18 -12.40 6.41 -40.83
C GLN E 18 -11.21 7.33 -41.09
N LEU E 19 -10.15 6.83 -41.73
CA LEU E 19 -8.97 7.66 -41.91
C LEU E 19 -9.18 8.71 -43.00
N LYS E 20 -9.98 8.40 -44.02
CA LYS E 20 -10.20 9.39 -45.07
C LYS E 20 -11.12 10.51 -44.59
N MET E 21 -12.03 10.22 -43.64
CA MET E 21 -12.77 11.34 -43.06
C MET E 21 -12.00 11.98 -41.92
N GLU E 22 -10.92 11.36 -41.45
CA GLU E 22 -9.94 12.09 -40.66
C GLU E 22 -9.12 13.03 -41.52
N ALA E 23 -9.04 12.77 -42.82
CA ALA E 23 -8.23 13.61 -43.70
C ALA E 23 -8.72 15.05 -43.71
N ASN E 24 -10.04 15.25 -43.81
CA ASN E 24 -10.59 16.60 -43.88
C ASN E 24 -10.83 17.14 -42.47
N ILE E 25 -9.71 17.43 -41.79
CA ILE E 25 -9.71 18.02 -40.46
C ILE E 25 -8.82 19.25 -40.49
N ASP E 26 -9.02 20.14 -39.52
CA ASP E 26 -8.32 21.41 -39.51
C ASP E 26 -6.86 21.21 -39.10
N ARG E 27 -5.95 21.91 -39.79
CA ARG E 27 -4.52 21.89 -39.47
C ARG E 27 -4.04 23.34 -39.45
N ILE E 28 -3.99 23.92 -38.25
CA ILE E 28 -3.46 25.26 -38.06
C ILE E 28 -1.95 25.22 -38.17
N LYS E 29 -1.32 26.39 -38.26
CA LYS E 29 0.13 26.43 -38.32
C LYS E 29 0.74 25.97 -37.00
N VAL E 30 1.83 25.20 -37.09
CA VAL E 30 2.46 24.65 -35.89
C VAL E 30 3.03 25.77 -35.03
N SER E 31 3.62 26.79 -35.66
CA SER E 31 4.14 27.93 -34.91
C SER E 31 3.02 28.63 -34.16
N LYS E 32 1.83 28.72 -34.76
CA LYS E 32 0.69 29.29 -34.08
C LYS E 32 0.31 28.49 -32.84
N ALA E 33 0.34 27.15 -32.96
CA ALA E 33 0.04 26.31 -31.81
C ALA E 33 1.08 26.49 -30.71
N ALA E 34 2.36 26.58 -31.08
CA ALA E 34 3.40 26.82 -30.09
C ALA E 34 3.23 28.17 -29.42
N ALA E 35 2.89 29.20 -30.19
CA ALA E 35 2.67 30.52 -29.62
C ALA E 35 1.49 30.52 -28.67
N ASP E 36 0.40 29.83 -29.03
CA ASP E 36 -0.75 29.73 -28.13
C ASP E 36 -0.38 28.98 -26.85
N LEU E 37 0.39 27.91 -26.98
CA LEU E 37 0.82 27.15 -25.80
C LEU E 37 1.67 28.02 -24.87
N MET E 38 2.61 28.77 -25.44
CA MET E 38 3.45 29.64 -24.63
C MET E 38 2.65 30.76 -24.00
N ALA E 39 1.65 31.29 -24.73
CA ALA E 39 0.79 32.32 -24.17
C ALA E 39 -0.02 31.79 -22.99
N TYR E 40 -0.55 30.58 -23.12
CA TYR E 40 -1.26 29.97 -21.99
C TYR E 40 -0.32 29.73 -20.82
N CYS E 41 0.91 29.30 -21.09
CA CYS E 41 1.86 29.06 -20.01
C CYS E 41 2.20 30.35 -19.27
N GLU E 42 2.47 31.43 -20.02
CA GLU E 42 2.90 32.67 -19.39
C GLU E 42 1.74 33.41 -18.73
N ALA E 43 0.54 33.29 -19.29
CA ALA E 43 -0.62 33.98 -18.71
C ALA E 43 -0.92 33.44 -17.32
N HIS E 44 -0.83 32.13 -17.14
CA HIS E 44 -1.03 31.50 -15.84
C HIS E 44 0.27 31.33 -15.06
N ALA E 45 1.41 31.75 -15.62
CA ALA E 45 2.67 31.67 -14.90
C ALA E 45 2.70 32.62 -13.72
N LYS E 46 2.06 33.78 -13.84
CA LYS E 46 2.04 34.74 -12.74
C LYS E 46 1.37 34.14 -11.50
N GLU E 47 0.25 33.45 -11.69
CA GLU E 47 -0.37 32.75 -10.58
C GLU E 47 0.32 31.41 -10.33
N ASP E 48 0.20 30.47 -11.27
CA ASP E 48 0.73 29.11 -11.26
C ASP E 48 0.64 28.63 -9.82
N PRO E 49 -0.57 28.39 -9.30
CA PRO E 49 -0.76 28.28 -7.84
C PRO E 49 0.17 27.31 -7.13
N LEU E 50 1.02 27.88 -6.28
CA LEU E 50 1.82 27.13 -5.30
C LEU E 50 2.80 26.18 -6.00
N LEU E 51 3.53 26.70 -6.97
CA LEU E 51 4.65 25.98 -7.57
C LEU E 51 5.92 26.82 -7.64
N THR E 52 5.80 28.14 -7.81
CA THR E 52 6.94 29.03 -7.77
C THR E 52 7.45 29.14 -6.33
N PRO E 53 8.67 29.67 -6.13
CA PRO E 53 9.14 29.93 -4.77
C PRO E 53 8.13 30.71 -3.94
N VAL E 54 7.62 30.07 -2.90
CA VAL E 54 6.54 30.62 -2.08
C VAL E 54 6.90 30.48 -0.60
N PRO E 55 6.36 31.32 0.28
CA PRO E 55 6.62 31.17 1.71
C PRO E 55 5.94 29.93 2.26
N ALA E 56 6.44 29.47 3.41
CA ALA E 56 5.90 28.28 4.05
C ALA E 56 4.45 28.45 4.46
N SER E 57 4.00 29.68 4.71
CA SER E 57 2.61 29.91 5.06
C SER E 57 1.67 29.82 3.86
N GLU E 58 2.21 29.92 2.64
CA GLU E 58 1.38 29.75 1.45
C GLU E 58 0.98 28.29 1.27
N ASN E 59 1.83 27.37 1.70
CA ASN E 59 1.51 25.95 1.68
C ASN E 59 0.35 25.66 2.64
N PRO E 60 -0.68 24.96 2.17
CA PRO E 60 -1.67 24.40 3.10
C PRO E 60 -1.22 23.11 3.76
N PHE E 61 -0.01 22.64 3.48
CA PHE E 61 0.57 21.52 4.23
C PHE E 61 1.30 22.00 5.47
N ARG E 62 1.96 23.16 5.40
CA ARG E 62 2.57 23.81 6.55
C ARG E 62 3.56 22.89 7.28
N GLU E 63 4.44 22.26 6.53
CA GLU E 63 5.50 21.43 7.12
C GLU E 63 6.86 21.79 6.54
#